data_3M34
#
_entry.id   3M34
#
_cell.length_a   130.350
_cell.length_b   70.819
_cell.length_c   69.236
_cell.angle_alpha   90.00
_cell.angle_beta   109.92
_cell.angle_gamma   90.00
#
_symmetry.space_group_name_H-M   'C 1 2 1'
#
loop_
_entity.id
_entity.type
_entity.pdbx_description
1 polymer Transketolase
2 non-polymer GLYCEROL
3 non-polymer 'CALCIUM ION'
4 non-polymer 1,2-ETHANEDIOL
5 non-polymer 'THIAMINE DIPHOSPHATE'
6 water water
#
_entity_poly.entity_id   1
_entity_poly.type   'polypeptide(L)'
_entity_poly.pdbx_seq_one_letter_code
;SNA(MSE)NIQILQEQANTLRFLSAD(MSE)VQKANSGHPGAPLGLADILSVLSYHLKHNPKNPTWLNRDRLVFSGGHAS
ALLYSFLHLSGYDLSLEDLKNFRQLHSKTPGHPEISTLGVEIATGPLGQGVANAVGFA(MSE)AAKKAQNLLGSDLIDHK
IYCLCGDGDLQEGISYEACSLAGLHKLDNFILIYDSNNISIEGDVGLAFNENVK(MSE)RFEAQGFEVLSINGHDYEEIN
KALEQAKKSTKPCLIIAKTTIAKGAGELEGSHKSHGAPLGEEVIKKAKEQAGFDPNISFHIPQASKIRFESAVELGDLEE
AKWKDKLEKSAKKELLERLLNPDFNKIAYPDFKGKDLATRDSNGEILNVLAKNLEGFLGGSADLGPSNKTELHS(MSE)G
DFVEGKNIHFGIREHA(MSE)AAINNAFARYGIFLPFSATFFIFSEYLKPAARIAAL(MSE)KIKHFFIFTHDSIGVGED
GPTHQPIEQLSTFRA(MSE)PNFLTFRPADGVENVKAWQIALNADIPSAFVLSRQKLKALNEPVFGDVKNGAYLLKESKE
AKFTLLASGSEVWLCLESANELEKQGFACNVVS(MSE)PCFELFEKQDKAYQERLLKGEVIGVEAAHSNELYKFCHKVYG
IESFGESGKDKDVFERFGFSVSKLVNFILSK
;
_entity_poly.pdbx_strand_id   A
#
loop_
_chem_comp.id
_chem_comp.type
_chem_comp.name
_chem_comp.formula
CA non-polymer 'CALCIUM ION' 'Ca 2'
EDO non-polymer 1,2-ETHANEDIOL 'C2 H6 O2'
GOL non-polymer GLYCEROL 'C3 H8 O3'
TPP non-polymer 'THIAMINE DIPHOSPHATE' 'C12 H19 N4 O7 P2 S 1'
#
# COMPACT_ATOMS: atom_id res chain seq x y z
N MSE A 4 20.40 10.86 -30.46
CA MSE A 4 20.05 11.82 -29.35
C MSE A 4 20.56 13.22 -29.69
O MSE A 4 21.78 13.53 -29.55
CB MSE A 4 20.59 11.31 -28.00
CG MSE A 4 19.66 11.68 -26.82
SE MSE A 4 20.20 11.50 -24.89
CE MSE A 4 18.97 12.87 -24.43
N ASN A 5 19.65 14.10 -30.17
CA ASN A 5 19.92 15.51 -30.53
C ASN A 5 18.76 16.41 -30.18
N ILE A 6 18.97 17.72 -30.18
CA ILE A 6 17.95 18.67 -29.65
C ILE A 6 16.66 18.63 -30.45
N GLN A 7 16.78 18.49 -31.77
CA GLN A 7 15.60 18.56 -32.63
C GLN A 7 14.66 17.38 -32.34
N ILE A 8 15.21 16.18 -32.22
CA ILE A 8 14.40 14.97 -31.95
C ILE A 8 13.85 15.05 -30.50
N LEU A 9 14.66 15.52 -29.54
CA LEU A 9 14.19 15.61 -28.15
C LEU A 9 13.04 16.64 -28.02
N GLN A 10 13.17 17.77 -28.72
CA GLN A 10 12.14 18.76 -28.70
C GLN A 10 10.84 18.22 -29.28
N GLU A 11 10.95 17.51 -30.39
CA GLU A 11 9.75 16.95 -31.03
C GLU A 11 9.11 15.92 -30.12
N GLN A 12 9.93 15.07 -29.55
CA GLN A 12 9.45 14.03 -28.60
C GLN A 12 8.75 14.68 -27.38
N ALA A 13 9.37 15.71 -26.81
CA ALA A 13 8.78 16.34 -25.62
C ALA A 13 7.45 17.03 -25.96
N ASN A 14 7.39 17.68 -27.15
CA ASN A 14 6.21 18.35 -27.55
C ASN A 14 5.08 17.36 -27.91
N THR A 15 5.47 16.17 -28.43
CA THR A 15 4.51 15.09 -28.70
C THR A 15 3.84 14.72 -27.41
N LEU A 16 4.66 14.59 -26.38
CA LEU A 16 4.16 14.25 -25.01
C LEU A 16 3.24 15.38 -24.48
N ARG A 17 3.68 16.62 -24.63
CA ARG A 17 2.88 17.78 -24.22
C ARG A 17 1.51 17.79 -24.87
N PHE A 18 1.47 17.63 -26.19
CA PHE A 18 0.22 17.85 -26.84
C PHE A 18 -0.69 16.62 -26.72
N LEU A 19 -0.11 15.42 -26.61
CA LEU A 19 -0.99 14.26 -26.27
C LEU A 19 -1.65 14.53 -24.92
N SER A 20 -0.84 14.96 -23.98
CA SER A 20 -1.36 15.18 -22.63
C SER A 20 -2.44 16.28 -22.61
N ALA A 21 -2.14 17.40 -23.29
CA ALA A 21 -3.05 18.52 -23.32
C ALA A 21 -4.38 18.15 -23.99
N ASP A 22 -4.26 17.40 -25.06
CA ASP A 22 -5.39 16.97 -25.90
C ASP A 22 -6.28 16.00 -25.11
N MSE A 23 -5.64 15.18 -24.28
CA MSE A 23 -6.38 14.19 -23.48
C MSE A 23 -7.21 14.89 -22.42
O MSE A 23 -8.37 14.56 -22.20
CB MSE A 23 -5.39 13.23 -22.80
CG MSE A 23 -4.72 12.29 -23.72
SE MSE A 23 -3.19 11.39 -22.90
CE MSE A 23 -4.18 10.74 -21.56
N VAL A 24 -6.57 15.82 -21.70
CA VAL A 24 -7.22 16.62 -20.69
C VAL A 24 -8.39 17.41 -21.30
N GLN A 25 -8.14 17.95 -22.48
CA GLN A 25 -9.12 18.81 -23.12
C GLN A 25 -10.38 18.01 -23.55
N LYS A 26 -10.16 16.81 -24.07
CA LYS A 26 -11.25 15.95 -24.59
C LYS A 26 -12.11 15.48 -23.42
N ALA A 27 -11.43 15.17 -22.32
CA ALA A 27 -12.13 14.83 -21.06
C ALA A 27 -12.80 16.00 -20.35
N ASN A 28 -12.36 17.23 -20.67
CA ASN A 28 -12.80 18.40 -19.95
C ASN A 28 -12.52 18.23 -18.45
N SER A 29 -11.41 17.54 -18.16
CA SER A 29 -11.04 17.24 -16.77
C SER A 29 -9.59 16.80 -16.75
N GLY A 30 -8.86 17.21 -15.72
CA GLY A 30 -7.53 16.74 -15.49
C GLY A 30 -6.49 17.84 -15.37
N HIS A 31 -5.25 17.40 -15.40
CA HIS A 31 -4.13 18.21 -14.94
C HIS A 31 -3.13 18.32 -16.05
N PRO A 32 -3.12 19.48 -16.75
CA PRO A 32 -2.20 19.65 -17.83
C PRO A 32 -0.89 20.31 -17.43
N GLY A 33 -0.85 21.00 -16.30
CA GLY A 33 0.37 21.75 -15.95
C GLY A 33 1.63 20.92 -15.73
N ALA A 34 1.53 19.90 -14.88
CA ALA A 34 2.67 19.02 -14.57
C ALA A 34 3.13 18.27 -15.82
N PRO A 35 2.19 17.69 -16.60
CA PRO A 35 2.65 17.06 -17.82
C PRO A 35 3.54 17.97 -18.70
N LEU A 36 3.11 19.21 -18.87
CA LEU A 36 3.85 20.15 -19.76
C LEU A 36 5.17 20.53 -19.13
N GLY A 37 5.16 20.68 -17.81
CA GLY A 37 6.38 20.98 -17.11
C GLY A 37 7.39 19.88 -17.10
N LEU A 38 6.92 18.62 -17.17
CA LEU A 38 7.79 17.44 -17.02
C LEU A 38 8.22 16.83 -18.37
N ALA A 39 7.67 17.38 -19.44
CA ALA A 39 7.81 16.70 -20.73
C ALA A 39 9.24 16.62 -21.26
N ASP A 40 10.06 17.64 -20.98
CA ASP A 40 11.45 17.57 -21.36
C ASP A 40 12.25 16.56 -20.55
N ILE A 41 12.02 16.51 -19.23
CA ILE A 41 12.66 15.52 -18.43
C ILE A 41 12.32 14.12 -18.84
N LEU A 42 11.04 13.83 -19.08
CA LEU A 42 10.68 12.46 -19.44
C LEU A 42 11.22 12.07 -20.83
N SER A 43 11.25 13.01 -21.76
CA SER A 43 11.86 12.76 -23.08
C SER A 43 13.32 12.32 -22.95
N VAL A 44 14.13 13.01 -22.15
CA VAL A 44 15.50 12.56 -21.92
C VAL A 44 15.55 11.26 -21.16
N LEU A 45 14.71 11.16 -20.10
CA LEU A 45 14.69 9.94 -19.31
C LEU A 45 14.36 8.68 -20.10
N SER A 46 13.55 8.79 -21.15
CA SER A 46 13.22 7.66 -22.01
C SER A 46 14.47 7.00 -22.65
N TYR A 47 15.54 7.74 -22.84
CA TYR A 47 16.80 7.20 -23.30
C TYR A 47 17.59 6.43 -22.29
N HIS A 48 17.32 6.70 -21.02
CA HIS A 48 18.02 6.05 -19.93
C HIS A 48 17.28 4.86 -19.33
N LEU A 49 15.96 4.89 -19.37
CA LEU A 49 15.11 3.85 -18.77
C LEU A 49 15.28 2.50 -19.45
N LYS A 50 15.55 1.47 -18.67
CA LYS A 50 15.69 0.10 -19.13
C LYS A 50 14.41 -0.64 -18.76
N HIS A 51 13.67 -1.02 -19.78
CA HIS A 51 12.35 -1.63 -19.59
C HIS A 51 11.95 -2.37 -20.87
N ASN A 52 11.09 -3.37 -20.73
CA ASN A 52 10.49 -4.04 -21.89
C ASN A 52 9.00 -3.79 -21.91
N PRO A 53 8.52 -2.94 -22.84
CA PRO A 53 7.09 -2.67 -22.95
C PRO A 53 6.26 -3.90 -23.19
N LYS A 54 6.83 -4.92 -23.84
CA LYS A 54 6.08 -6.15 -24.02
C LYS A 54 6.09 -7.11 -22.85
N ASN A 55 6.90 -6.83 -21.82
CA ASN A 55 6.87 -7.62 -20.59
C ASN A 55 7.08 -6.70 -19.40
N PRO A 56 5.98 -6.04 -18.97
CA PRO A 56 6.09 -5.16 -17.79
C PRO A 56 6.37 -5.89 -16.48
N THR A 57 6.47 -7.23 -16.47
CA THR A 57 6.82 -7.98 -15.25
C THR A 57 8.33 -8.33 -15.20
N TRP A 58 9.11 -7.94 -16.20
CA TRP A 58 10.53 -8.28 -16.21
C TRP A 58 11.17 -7.86 -14.90
N LEU A 59 11.71 -8.82 -14.16
CA LEU A 59 12.10 -8.56 -12.79
C LEU A 59 13.19 -7.51 -12.61
N ASN A 60 14.10 -7.41 -13.58
CA ASN A 60 15.21 -6.47 -13.50
C ASN A 60 15.04 -5.18 -14.30
N ARG A 61 13.80 -4.86 -14.63
CA ARG A 61 13.49 -3.60 -15.24
C ARG A 61 13.78 -2.44 -14.29
N ASP A 62 14.15 -1.28 -14.83
CA ASP A 62 14.07 -0.07 -14.04
C ASP A 62 12.60 0.17 -13.66
N ARG A 63 12.39 0.66 -12.44
CA ARG A 63 11.03 0.95 -11.95
C ARG A 63 10.86 2.47 -11.97
N LEU A 64 9.83 2.93 -12.68
CA LEU A 64 9.47 4.33 -12.79
C LEU A 64 8.19 4.58 -11.96
N VAL A 65 8.25 5.55 -11.06
CA VAL A 65 7.09 5.96 -10.25
C VAL A 65 6.76 7.44 -10.46
N PHE A 66 5.50 7.73 -10.84
CA PHE A 66 5.01 9.14 -10.87
C PHE A 66 4.35 9.39 -9.52
N SER A 67 5.08 9.97 -8.57
CA SER A 67 4.44 10.24 -7.25
C SER A 67 3.31 11.27 -7.37
N GLY A 68 3.46 12.21 -8.29
CA GLY A 68 2.45 13.20 -8.59
C GLY A 68 1.54 12.53 -9.59
N GLY A 69 0.64 11.70 -9.08
CA GLY A 69 -0.19 10.89 -9.95
C GLY A 69 -1.18 11.73 -10.75
N HIS A 70 -1.38 12.98 -10.37
CA HIS A 70 -2.21 13.85 -11.15
C HIS A 70 -1.61 14.11 -12.53
N ALA A 71 -0.33 13.82 -12.70
CA ALA A 71 0.34 13.91 -14.01
C ALA A 71 0.10 12.67 -14.91
N SER A 72 -0.98 11.93 -14.61
CA SER A 72 -1.30 10.69 -15.31
C SER A 72 -1.30 10.78 -16.82
N ALA A 73 -1.79 11.89 -17.38
CA ALA A 73 -1.88 11.98 -18.87
C ALA A 73 -0.48 11.83 -19.49
N LEU A 74 0.55 12.33 -18.82
CA LEU A 74 1.92 12.22 -19.32
C LEU A 74 2.43 10.81 -19.26
N LEU A 75 2.19 10.13 -18.11
CA LEU A 75 2.51 8.74 -17.98
C LEU A 75 1.86 7.91 -19.10
N TYR A 76 0.57 8.11 -19.30
CA TYR A 76 -0.16 7.32 -20.30
C TYR A 76 0.35 7.59 -21.73
N SER A 77 0.68 8.85 -21.98
CA SER A 77 1.25 9.26 -23.29
C SER A 77 2.53 8.49 -23.55
N PHE A 78 3.42 8.50 -22.56
CA PHE A 78 4.65 7.77 -22.61
C PHE A 78 4.48 6.26 -22.74
N LEU A 79 3.56 5.66 -21.97
CA LEU A 79 3.36 4.22 -22.10
C LEU A 79 2.87 3.87 -23.53
N HIS A 80 1.94 4.66 -24.05
CA HIS A 80 1.45 4.45 -25.41
C HIS A 80 2.57 4.54 -26.42
N LEU A 81 3.31 5.63 -26.34
CA LEU A 81 4.38 5.89 -27.32
C LEU A 81 5.50 4.84 -27.25
N SER A 82 5.77 4.33 -26.05
CA SER A 82 6.86 3.38 -25.84
C SER A 82 6.51 1.98 -26.30
N GLY A 83 5.22 1.68 -26.51
CA GLY A 83 4.85 0.35 -26.99
C GLY A 83 4.16 -0.60 -26.01
N TYR A 84 3.73 -0.03 -24.87
CA TYR A 84 2.95 -0.76 -23.94
C TYR A 84 1.56 -1.03 -24.50
N ASP A 85 0.80 -1.89 -23.82
CA ASP A 85 -0.57 -2.24 -24.26
C ASP A 85 -1.56 -1.19 -23.83
N LEU A 86 -1.42 -0.03 -24.41
CA LEU A 86 -2.28 1.12 -24.16
C LEU A 86 -2.36 1.81 -25.50
N SER A 87 -3.57 1.97 -26.03
CA SER A 87 -3.76 2.41 -27.41
C SER A 87 -4.03 3.88 -27.49
N LEU A 88 -3.98 4.42 -28.71
CA LEU A 88 -4.40 5.80 -28.89
C LEU A 88 -5.87 6.00 -28.53
N GLU A 89 -6.72 5.05 -28.86
CA GLU A 89 -8.10 5.16 -28.46
C GLU A 89 -8.26 5.21 -26.90
N ASP A 90 -7.42 4.43 -26.21
CA ASP A 90 -7.39 4.48 -24.74
C ASP A 90 -7.09 5.89 -24.28
N LEU A 91 -6.11 6.54 -24.92
CA LEU A 91 -5.80 7.92 -24.55
C LEU A 91 -6.99 8.84 -24.75
N LYS A 92 -7.80 8.60 -25.80
CA LYS A 92 -8.96 9.41 -26.07
C LYS A 92 -10.10 9.15 -25.09
N ASN A 93 -9.97 8.12 -24.27
CA ASN A 93 -10.96 7.86 -23.20
C ASN A 93 -10.43 8.16 -21.79
N PHE A 94 -9.40 9.01 -21.74
CA PHE A 94 -8.92 9.56 -20.47
C PHE A 94 -10.07 10.00 -19.56
N ARG A 95 -10.00 9.53 -18.32
CA ARG A 95 -10.92 9.93 -17.29
C ARG A 95 -12.37 9.52 -17.48
N GLN A 96 -12.61 8.58 -18.39
CA GLN A 96 -13.95 8.07 -18.65
C GLN A 96 -14.22 6.73 -18.02
N LEU A 97 -15.49 6.53 -17.65
CA LEU A 97 -15.88 5.33 -16.95
C LEU A 97 -15.45 4.09 -17.71
N HIS A 98 -14.71 3.25 -17.01
CA HIS A 98 -14.24 1.94 -17.45
C HIS A 98 -13.09 1.98 -18.43
N SER A 99 -12.49 3.18 -18.60
CA SER A 99 -11.34 3.25 -19.50
C SER A 99 -10.09 2.65 -18.84
N LYS A 100 -9.05 2.47 -19.65
CA LYS A 100 -7.72 2.05 -19.20
C LYS A 100 -6.84 3.25 -18.76
N THR A 101 -7.45 4.43 -18.79
CA THR A 101 -6.72 5.71 -18.53
C THR A 101 -7.49 6.52 -17.51
N PRO A 102 -7.64 5.99 -16.26
CA PRO A 102 -8.31 6.68 -15.17
C PRO A 102 -7.52 7.95 -14.71
N GLY A 103 -8.20 8.86 -14.02
CA GLY A 103 -7.64 10.13 -13.65
C GLY A 103 -6.35 10.11 -12.87
N HIS A 104 -6.18 9.08 -12.02
CA HIS A 104 -4.88 8.81 -11.41
C HIS A 104 -4.48 7.36 -11.71
N PRO A 105 -3.17 7.06 -11.71
CA PRO A 105 -2.82 5.74 -12.27
C PRO A 105 -3.18 4.56 -11.37
N GLU A 106 -3.60 3.47 -12.01
CA GLU A 106 -4.03 2.22 -11.34
C GLU A 106 -3.25 1.08 -11.97
N ILE A 107 -2.92 0.08 -11.17
CA ILE A 107 -2.08 -1.00 -11.66
C ILE A 107 -2.75 -1.93 -12.66
N SER A 108 -4.07 -1.85 -12.80
CA SER A 108 -4.76 -2.57 -13.87
C SER A 108 -4.36 -2.11 -15.29
N THR A 109 -3.79 -0.89 -15.37
CA THR A 109 -3.15 -0.39 -16.60
C THR A 109 -1.71 -0.90 -16.66
N LEU A 110 -1.42 -1.81 -17.60
CA LEU A 110 -0.05 -2.34 -17.73
C LEU A 110 0.98 -1.27 -17.97
N GLY A 111 2.09 -1.34 -17.21
CA GLY A 111 3.08 -0.34 -17.22
C GLY A 111 3.05 0.52 -15.99
N VAL A 112 1.92 0.54 -15.27
CA VAL A 112 1.84 1.34 -14.08
C VAL A 112 2.39 0.55 -12.90
N GLU A 113 3.49 1.03 -12.27
CA GLU A 113 4.20 0.23 -11.29
C GLU A 113 3.45 0.14 -9.96
N ILE A 114 2.77 1.23 -9.62
CA ILE A 114 2.11 1.34 -8.32
C ILE A 114 1.07 2.45 -8.44
N ALA A 115 -0.08 2.29 -7.78
CA ALA A 115 -1.10 3.33 -7.80
C ALA A 115 -0.63 4.55 -7.04
N THR A 116 -0.82 5.72 -7.63
CA THR A 116 -0.43 6.97 -6.94
C THR A 116 -1.52 7.99 -7.08
N GLY A 117 -1.37 9.15 -6.42
CA GLY A 117 -2.51 10.06 -6.32
C GLY A 117 -2.47 10.78 -4.98
N PRO A 118 -2.58 10.01 -3.90
CA PRO A 118 -2.35 10.61 -2.58
C PRO A 118 -0.92 11.02 -2.47
N LEU A 119 -0.67 12.29 -2.26
CA LEU A 119 0.70 12.83 -2.37
C LEU A 119 1.62 12.28 -1.28
N GLY A 120 2.91 12.17 -1.61
CA GLY A 120 3.88 11.56 -0.74
C GLY A 120 4.02 10.08 -0.92
N GLN A 121 2.93 9.35 -1.26
CA GLN A 121 3.00 7.87 -1.25
C GLN A 121 4.02 7.39 -2.24
N GLY A 122 4.02 7.96 -3.43
CA GLY A 122 4.93 7.52 -4.49
C GLY A 122 6.39 7.62 -4.13
N VAL A 123 6.77 8.68 -3.43
CA VAL A 123 8.14 8.84 -2.97
C VAL A 123 8.53 7.71 -2.03
N ALA A 124 7.63 7.38 -1.07
CA ALA A 124 7.87 6.33 -0.21
C ALA A 124 7.83 4.96 -0.89
N ASN A 125 6.96 4.80 -1.88
CA ASN A 125 6.91 3.57 -2.64
C ASN A 125 8.25 3.38 -3.39
N ALA A 126 8.77 4.46 -3.95
CA ALA A 126 10.06 4.43 -4.69
C ALA A 126 11.23 4.03 -3.79
N VAL A 127 11.25 4.53 -2.55
CA VAL A 127 12.16 4.07 -1.57
C VAL A 127 11.97 2.57 -1.33
N GLY A 128 10.71 2.11 -1.19
CA GLY A 128 10.45 0.72 -1.03
C GLY A 128 10.93 -0.15 -2.18
N PHE A 129 10.74 0.32 -3.42
CA PHE A 129 11.22 -0.42 -4.56
C PHE A 129 12.75 -0.52 -4.51
N ALA A 130 13.41 0.52 -4.05
CA ALA A 130 14.87 0.54 -3.98
C ALA A 130 15.36 -0.42 -2.88
N MSE A 131 14.67 -0.47 -1.74
CA MSE A 131 14.99 -1.41 -0.66
C MSE A 131 14.71 -2.82 -1.08
O MSE A 131 15.54 -3.70 -0.84
CB MSE A 131 14.19 -1.11 0.65
CG MSE A 131 14.60 0.19 1.26
SE MSE A 131 13.63 0.61 2.93
CE MSE A 131 14.41 -0.75 4.09
N ALA A 132 13.61 -3.05 -1.79
CA ALA A 132 13.22 -4.35 -2.30
C ALA A 132 14.27 -4.84 -3.33
N ALA A 133 14.78 -3.90 -4.11
CA ALA A 133 15.81 -4.20 -5.13
C ALA A 133 17.11 -4.57 -4.41
N LYS A 134 17.41 -3.87 -3.33
CA LYS A 134 18.62 -4.24 -2.56
C LYS A 134 18.52 -5.63 -1.94
N LYS A 135 17.34 -5.99 -1.42
CA LYS A 135 17.11 -7.31 -0.96
C LYS A 135 17.15 -8.41 -2.04
N ALA A 136 16.51 -8.14 -3.17
CA ALA A 136 16.50 -9.01 -4.34
C ALA A 136 17.98 -9.27 -4.79
N GLN A 137 18.80 -8.24 -4.77
CA GLN A 137 20.24 -8.39 -5.06
C GLN A 137 20.96 -9.24 -4.03
N ASN A 138 20.62 -9.07 -2.77
CA ASN A 138 21.16 -9.94 -1.70
C ASN A 138 20.81 -11.43 -1.96
N LEU A 139 19.58 -11.72 -2.38
CA LEU A 139 19.15 -13.05 -2.62
C LEU A 139 19.67 -13.65 -3.92
N LEU A 140 19.66 -12.86 -5.00
CA LEU A 140 19.78 -13.42 -6.35
C LEU A 140 21.14 -13.06 -7.01
N GLY A 141 21.82 -12.06 -6.45
CA GLY A 141 23.13 -11.62 -6.90
C GLY A 141 23.08 -10.39 -7.78
N SER A 142 24.17 -9.63 -7.80
CA SER A 142 24.23 -8.44 -8.63
C SER A 142 24.34 -8.73 -10.13
N ASP A 143 24.60 -9.98 -10.51
CA ASP A 143 24.47 -10.40 -11.91
C ASP A 143 23.03 -10.40 -12.37
N LEU A 144 22.07 -10.58 -11.45
CA LEU A 144 20.68 -10.65 -11.84
C LEU A 144 19.84 -9.40 -11.47
N ILE A 145 20.28 -8.67 -10.46
CA ILE A 145 19.55 -7.50 -10.03
C ILE A 145 20.49 -6.29 -9.97
N ASP A 146 20.27 -5.33 -10.87
CA ASP A 146 21.15 -4.18 -10.97
C ASP A 146 20.51 -2.91 -11.54
N HIS A 147 19.22 -2.79 -11.38
CA HIS A 147 18.44 -1.75 -12.03
C HIS A 147 18.29 -0.51 -11.11
N LYS A 148 17.72 0.51 -11.68
CA LYS A 148 17.45 1.79 -11.02
C LYS A 148 15.98 1.90 -10.64
N ILE A 149 15.72 2.84 -9.77
CA ILE A 149 14.35 3.23 -9.38
C ILE A 149 14.30 4.76 -9.55
N TYR A 150 13.47 5.19 -10.49
CA TYR A 150 13.29 6.61 -10.78
C TYR A 150 11.94 7.09 -10.26
N CYS A 151 11.93 8.20 -9.53
CA CYS A 151 10.68 8.75 -9.05
C CYS A 151 10.57 10.20 -9.48
N LEU A 152 9.45 10.56 -10.08
CA LEU A 152 9.11 11.96 -10.33
C LEU A 152 8.18 12.44 -9.24
N CYS A 153 8.51 13.55 -8.64
CA CYS A 153 7.71 14.13 -7.56
C CYS A 153 7.63 15.65 -7.67
N GLY A 154 6.68 16.22 -6.96
CA GLY A 154 6.45 17.65 -6.98
C GLY A 154 6.49 18.25 -5.61
N ASP A 155 6.11 19.51 -5.53
CA ASP A 155 6.12 20.21 -4.23
C ASP A 155 5.25 19.53 -3.22
N GLY A 156 4.11 19.06 -3.67
CA GLY A 156 3.17 18.49 -2.75
C GLY A 156 3.73 17.24 -2.08
N ASP A 157 4.39 16.39 -2.87
CA ASP A 157 5.01 15.20 -2.33
C ASP A 157 6.00 15.55 -1.21
N LEU A 158 6.87 16.54 -1.47
CA LEU A 158 7.94 16.87 -0.53
C LEU A 158 7.51 17.64 0.69
N GLN A 159 6.30 18.19 0.68
CA GLN A 159 5.74 18.76 1.89
C GLN A 159 5.15 17.74 2.81
N GLU A 160 4.71 16.60 2.27
CA GLU A 160 4.12 15.56 3.13
C GLU A 160 5.18 14.89 4.02
N GLY A 161 4.82 14.69 5.28
CA GLY A 161 5.64 13.97 6.22
C GLY A 161 6.20 12.63 5.75
N ILE A 162 5.39 11.85 5.03
CA ILE A 162 5.80 10.55 4.60
C ILE A 162 7.07 10.64 3.70
N SER A 163 7.24 11.75 2.99
CA SER A 163 8.39 11.89 2.13
C SER A 163 9.69 12.00 2.94
N TYR A 164 9.64 12.76 4.03
CA TYR A 164 10.79 12.83 4.94
C TYR A 164 11.09 11.48 5.64
N GLU A 165 10.03 10.78 6.11
CA GLU A 165 10.19 9.48 6.68
C GLU A 165 10.91 8.50 5.74
N ALA A 166 10.44 8.42 4.48
CA ALA A 166 10.96 7.42 3.58
C ALA A 166 12.40 7.79 3.19
N CYS A 167 12.61 9.05 2.97
CA CYS A 167 13.94 9.56 2.52
C CYS A 167 14.98 9.40 3.64
N SER A 168 14.56 9.54 4.89
CA SER A 168 15.42 9.15 6.03
C SER A 168 15.93 7.70 5.88
N LEU A 169 15.04 6.77 5.62
CA LEU A 169 15.39 5.38 5.44
C LEU A 169 16.28 5.17 4.20
N ALA A 170 16.07 5.98 3.18
CA ALA A 170 16.82 5.79 1.92
C ALA A 170 18.26 6.18 2.19
N GLY A 171 18.46 7.20 2.98
CA GLY A 171 19.85 7.62 3.33
C GLY A 171 20.56 6.66 4.24
N LEU A 172 19.86 6.17 5.26
CA LEU A 172 20.36 5.15 6.15
C LEU A 172 20.81 3.90 5.43
N HIS A 173 19.99 3.42 4.51
CA HIS A 173 20.27 2.21 3.78
C HIS A 173 21.11 2.42 2.52
N LYS A 174 21.60 3.63 2.31
CA LYS A 174 22.58 3.91 1.23
C LYS A 174 22.04 3.41 -0.11
N LEU A 175 20.82 3.82 -0.42
CA LEU A 175 20.12 3.33 -1.61
C LEU A 175 20.62 4.03 -2.89
N ASP A 176 21.77 3.55 -3.35
CA ASP A 176 22.44 4.12 -4.53
C ASP A 176 21.89 3.59 -5.83
N ASN A 177 20.69 3.02 -5.73
CA ASN A 177 19.86 2.66 -6.87
C ASN A 177 18.60 3.58 -7.08
N PHE A 178 18.49 4.60 -6.24
CA PHE A 178 17.31 5.44 -6.15
C PHE A 178 17.67 6.85 -6.65
N ILE A 179 16.91 7.28 -7.64
CA ILE A 179 16.99 8.61 -8.21
C ILE A 179 15.64 9.30 -8.15
N LEU A 180 15.61 10.35 -7.34
CA LEU A 180 14.39 11.14 -7.12
C LEU A 180 14.53 12.45 -7.89
N ILE A 181 13.58 12.68 -8.78
CA ILE A 181 13.55 13.88 -9.61
C ILE A 181 12.42 14.78 -9.16
N TYR A 182 12.81 15.91 -8.58
CA TYR A 182 11.88 16.88 -8.00
C TYR A 182 11.57 17.96 -8.99
N ASP A 183 10.31 17.99 -9.42
CA ASP A 183 9.78 19.04 -10.28
C ASP A 183 9.52 20.32 -9.47
N SER A 184 10.49 21.23 -9.46
CA SER A 184 10.38 22.44 -8.65
C SER A 184 9.90 23.58 -9.54
N ASN A 185 8.59 23.79 -9.56
CA ASN A 185 7.97 24.80 -10.43
C ASN A 185 7.40 26.02 -9.71
N ASN A 186 7.62 26.07 -8.39
CA ASN A 186 7.22 27.18 -7.54
C ASN A 186 5.71 27.42 -7.47
N ILE A 187 4.89 26.47 -7.93
CA ILE A 187 3.44 26.63 -7.98
C ILE A 187 2.72 25.47 -7.34
N SER A 188 1.70 25.79 -6.54
CA SER A 188 0.76 24.76 -6.04
C SER A 188 -0.66 25.27 -6.21
N ILE A 189 -1.67 24.57 -5.67
CA ILE A 189 -3.05 25.01 -5.92
C ILE A 189 -3.33 26.40 -5.34
N GLU A 190 -2.68 26.75 -4.25
CA GLU A 190 -2.95 28.05 -3.63
C GLU A 190 -2.07 29.12 -4.22
N GLY A 191 -1.20 28.77 -5.16
CA GLY A 191 -0.39 29.71 -5.91
C GLY A 191 1.08 29.53 -5.59
N ASP A 192 1.75 30.60 -5.19
CA ASP A 192 3.16 30.54 -5.04
C ASP A 192 3.50 29.60 -3.87
N VAL A 193 4.45 28.70 -4.11
CA VAL A 193 4.82 27.71 -3.09
C VAL A 193 5.41 28.40 -1.88
N GLY A 194 6.03 29.55 -2.10
CA GLY A 194 6.53 30.42 -1.00
C GLY A 194 5.55 30.86 0.10
N LEU A 195 4.26 30.78 -0.16
CA LEU A 195 3.21 31.05 0.84
C LEU A 195 3.30 30.02 1.96
N ALA A 196 3.82 28.83 1.65
CA ALA A 196 3.79 27.68 2.60
C ALA A 196 5.10 26.88 2.75
N PHE A 197 6.13 27.19 1.96
CA PHE A 197 7.30 26.38 1.99
C PHE A 197 8.53 27.15 1.53
N ASN A 198 9.54 27.16 2.36
CA ASN A 198 10.82 27.80 1.95
C ASN A 198 12.10 27.11 2.46
N GLU A 199 12.04 25.80 2.71
CA GLU A 199 13.19 25.01 3.11
C GLU A 199 14.31 25.08 2.11
N ASN A 200 15.51 24.91 2.62
CA ASN A 200 16.65 24.64 1.80
C ASN A 200 16.64 23.15 1.48
N VAL A 201 16.07 22.83 0.32
CA VAL A 201 15.77 21.45 -0.01
C VAL A 201 17.06 20.66 -0.23
N LYS A 202 18.12 21.32 -0.72
CA LYS A 202 19.39 20.64 -0.92
C LYS A 202 19.98 20.25 0.44
N MSE A 203 19.91 21.17 1.40
CA MSE A 203 20.44 20.91 2.73
C MSE A 203 19.61 19.83 3.42
O MSE A 203 20.14 18.95 4.11
CB MSE A 203 20.49 22.21 3.55
CG MSE A 203 21.19 22.09 4.84
SE MSE A 203 21.27 23.70 5.82
CE MSE A 203 21.91 24.74 4.40
N ARG A 204 18.28 19.91 3.27
CA ARG A 204 17.41 18.87 3.82
C ARG A 204 17.82 17.47 3.40
N PHE A 205 18.01 17.27 2.11
CA PHE A 205 18.33 15.97 1.59
C PHE A 205 19.77 15.52 1.84
N GLU A 206 20.68 16.48 1.89
CA GLU A 206 22.03 16.17 2.25
C GLU A 206 22.08 15.66 3.70
N ALA A 207 21.27 16.28 4.56
CA ALA A 207 21.13 15.82 5.96
C ALA A 207 20.66 14.34 6.06
N GLN A 208 19.90 13.86 5.08
CA GLN A 208 19.43 12.49 5.00
C GLN A 208 20.30 11.57 4.15
N GLY A 209 21.51 12.03 3.76
CA GLY A 209 22.46 11.19 3.14
C GLY A 209 22.32 11.07 1.62
N PHE A 210 21.69 12.04 1.00
CA PHE A 210 21.54 12.08 -0.48
C PHE A 210 22.69 12.92 -1.15
N GLU A 211 23.03 12.57 -2.39
CA GLU A 211 23.69 13.51 -3.29
C GLU A 211 22.60 14.34 -4.01
N VAL A 212 22.80 15.64 -4.10
CA VAL A 212 21.83 16.56 -4.66
C VAL A 212 22.41 17.34 -5.85
N LEU A 213 21.74 17.20 -6.97
CA LEU A 213 22.08 17.90 -8.21
C LEU A 213 20.96 18.89 -8.49
N SER A 214 21.30 20.02 -9.10
CA SER A 214 20.32 21.10 -9.32
C SER A 214 20.42 21.51 -10.77
N ILE A 215 19.31 21.44 -11.51
CA ILE A 215 19.24 21.68 -12.96
C ILE A 215 18.09 22.53 -13.44
N ASN A 216 18.21 22.97 -14.71
CA ASN A 216 17.11 23.54 -15.41
C ASN A 216 16.39 22.38 -16.12
N GLY A 217 15.11 22.14 -15.77
CA GLY A 217 14.43 20.99 -16.30
C GLY A 217 13.88 21.11 -17.69
N HIS A 218 14.20 22.22 -18.36
CA HIS A 218 13.89 22.39 -19.77
C HIS A 218 15.17 22.46 -20.62
N ASP A 219 16.30 22.17 -20.03
CA ASP A 219 17.56 22.10 -20.80
C ASP A 219 17.97 20.65 -21.01
N TYR A 220 17.84 20.17 -22.24
CA TYR A 220 18.09 18.77 -22.49
C TYR A 220 19.48 18.29 -22.13
N GLU A 221 20.50 19.08 -22.45
CA GLU A 221 21.84 18.68 -22.14
C GLU A 221 22.05 18.60 -20.63
N GLU A 222 21.47 19.53 -19.88
CA GLU A 222 21.67 19.49 -18.42
C GLU A 222 20.93 18.30 -17.79
N ILE A 223 19.74 18.01 -18.30
CA ILE A 223 19.00 16.83 -17.81
C ILE A 223 19.76 15.58 -18.04
N ASN A 224 20.29 15.40 -19.25
CA ASN A 224 21.05 14.25 -19.55
C ASN A 224 22.31 14.11 -18.71
N LYS A 225 23.06 15.22 -18.55
CA LYS A 225 24.23 15.21 -17.72
C LYS A 225 23.89 14.81 -16.26
N ALA A 226 22.78 15.31 -15.74
CA ALA A 226 22.38 14.98 -14.33
C ALA A 226 22.02 13.52 -14.16
N LEU A 227 21.33 12.98 -15.14
CA LEU A 227 21.01 11.57 -15.12
C LEU A 227 22.25 10.74 -15.22
N GLU A 228 23.22 11.09 -16.10
CA GLU A 228 24.44 10.32 -16.12
C GLU A 228 25.16 10.36 -14.77
N GLN A 229 25.19 11.52 -14.11
CA GLN A 229 25.91 11.65 -12.84
C GLN A 229 25.11 10.91 -11.73
N ALA A 230 23.79 11.08 -11.76
CA ALA A 230 22.95 10.36 -10.77
C ALA A 230 23.11 8.84 -10.81
N LYS A 231 23.19 8.28 -12.01
CA LYS A 231 23.34 6.87 -12.17
C LYS A 231 24.63 6.27 -11.63
N LYS A 232 25.62 7.15 -11.40
CA LYS A 232 26.94 6.80 -10.87
C LYS A 232 27.05 7.10 -9.39
N SER A 233 25.99 7.65 -8.78
CA SER A 233 26.09 8.08 -7.40
C SER A 233 26.39 6.93 -6.43
N THR A 234 27.07 7.21 -5.33
CA THR A 234 27.20 6.22 -4.25
C THR A 234 26.12 6.44 -3.15
N LYS A 235 25.22 7.39 -3.38
CA LYS A 235 24.16 7.76 -2.43
C LYS A 235 22.83 7.73 -3.19
N PRO A 236 21.71 7.61 -2.45
CA PRO A 236 20.49 8.06 -3.08
C PRO A 236 20.66 9.47 -3.63
N CYS A 237 20.14 9.71 -4.83
CA CYS A 237 20.31 10.99 -5.48
C CYS A 237 19.01 11.76 -5.76
N LEU A 238 19.03 13.03 -5.44
CA LEU A 238 17.96 13.94 -5.73
C LEU A 238 18.39 14.89 -6.82
N ILE A 239 17.60 14.93 -7.88
CA ILE A 239 17.74 15.97 -8.91
C ILE A 239 16.66 17.00 -8.74
N ILE A 240 17.08 18.19 -8.35
CA ILE A 240 16.17 19.33 -8.24
C ILE A 240 16.07 19.98 -9.60
N ALA A 241 14.90 19.83 -10.25
CA ALA A 241 14.73 20.31 -11.62
C ALA A 241 13.82 21.53 -11.65
N LYS A 242 14.41 22.69 -11.91
CA LYS A 242 13.59 23.89 -11.97
C LYS A 242 12.81 23.88 -13.30
N THR A 243 11.47 23.92 -13.21
CA THR A 243 10.66 23.95 -14.37
C THR A 243 9.60 25.05 -14.26
N THR A 244 8.92 25.28 -15.40
CA THR A 244 7.80 26.17 -15.48
C THR A 244 6.55 25.33 -15.65
N ILE A 245 5.61 25.47 -14.76
CA ILE A 245 4.38 24.74 -14.92
C ILE A 245 3.72 25.16 -16.27
N ALA A 246 3.16 24.17 -16.96
CA ALA A 246 2.51 24.37 -18.27
C ALA A 246 3.46 24.98 -19.30
N LYS A 247 4.71 24.62 -19.22
CA LYS A 247 5.74 25.08 -20.16
C LYS A 247 5.22 24.79 -21.56
N GLY A 248 5.28 25.79 -22.42
CA GLY A 248 4.80 25.68 -23.78
C GLY A 248 3.41 26.18 -23.98
N ALA A 249 2.65 26.43 -22.89
CA ALA A 249 1.26 26.89 -23.01
C ALA A 249 1.03 28.41 -22.88
N GLY A 250 1.99 29.19 -23.34
CA GLY A 250 1.77 30.62 -23.54
C GLY A 250 1.27 31.37 -22.33
N GLU A 251 0.08 31.93 -22.40
CA GLU A 251 -0.46 32.76 -21.29
C GLU A 251 -0.68 31.97 -19.97
N LEU A 252 -0.77 30.64 -20.08
CA LEU A 252 -0.88 29.79 -18.89
C LEU A 252 0.45 29.31 -18.30
N GLU A 253 1.60 29.60 -18.93
CA GLU A 253 2.89 29.25 -18.34
C GLU A 253 3.05 29.85 -16.99
N GLY A 254 3.46 29.06 -16.00
CA GLY A 254 3.68 29.56 -14.64
C GLY A 254 2.41 29.92 -13.86
N SER A 255 1.22 29.57 -14.37
CA SER A 255 0.01 29.94 -13.72
C SER A 255 -0.54 28.79 -12.90
N HIS A 256 -1.01 29.08 -11.70
CA HIS A 256 -1.62 28.04 -10.87
C HIS A 256 -2.91 27.54 -11.52
N LYS A 257 -3.49 28.34 -12.42
CA LYS A 257 -4.71 27.89 -13.12
C LYS A 257 -4.47 26.69 -14.04
N SER A 258 -3.23 26.46 -14.43
CA SER A 258 -2.89 25.28 -15.26
C SER A 258 -2.77 23.98 -14.48
N HIS A 259 -2.82 24.05 -13.16
CA HIS A 259 -2.53 22.86 -12.38
C HIS A 259 -3.57 21.77 -12.67
N GLY A 260 -4.81 22.17 -12.63
CA GLY A 260 -5.89 21.21 -12.42
C GLY A 260 -7.15 21.43 -13.23
N ALA A 261 -7.00 22.14 -14.34
CA ALA A 261 -8.11 22.35 -15.26
C ALA A 261 -7.57 22.40 -16.67
N PRO A 262 -8.43 22.10 -17.66
CA PRO A 262 -8.00 22.11 -19.05
C PRO A 262 -7.41 23.44 -19.49
N LEU A 263 -6.45 23.40 -20.41
CA LEU A 263 -5.80 24.64 -20.88
C LEU A 263 -6.73 25.49 -21.70
N GLY A 264 -7.68 24.84 -22.38
CA GLY A 264 -8.63 25.52 -23.27
C GLY A 264 -8.18 25.33 -24.71
N GLU A 265 -9.15 25.23 -25.61
CA GLU A 265 -8.90 25.01 -27.04
C GLU A 265 -7.97 26.03 -27.67
N GLU A 266 -8.20 27.29 -27.36
CA GLU A 266 -7.40 28.34 -28.04
C GLU A 266 -5.97 28.38 -27.56
N VAL A 267 -5.79 28.13 -26.26
CA VAL A 267 -4.45 28.04 -25.70
C VAL A 267 -3.68 26.88 -26.32
N ILE A 268 -4.35 25.75 -26.52
CA ILE A 268 -3.70 24.61 -27.14
C ILE A 268 -3.31 24.92 -28.60
N LYS A 269 -4.20 25.60 -29.32
CA LYS A 269 -3.92 25.97 -30.72
C LYS A 269 -2.69 26.83 -30.82
N LYS A 270 -2.62 27.87 -30.00
CA LYS A 270 -1.46 28.74 -29.99
C LYS A 270 -0.18 28.02 -29.65
N ALA A 271 -0.27 27.10 -28.67
CA ALA A 271 0.84 26.31 -28.26
C ALA A 271 1.39 25.41 -29.36
N LYS A 272 0.48 24.74 -30.07
CA LYS A 272 0.86 23.90 -31.18
C LYS A 272 1.56 24.76 -32.27
N GLU A 273 0.97 25.89 -32.59
CA GLU A 273 1.59 26.85 -33.58
C GLU A 273 3.01 27.19 -33.25
N GLN A 274 3.25 27.58 -32.01
CA GLN A 274 4.59 27.91 -31.56
C GLN A 274 5.59 26.75 -31.64
N ALA A 275 5.10 25.50 -31.47
CA ALA A 275 5.94 24.31 -31.53
C ALA A 275 6.03 23.69 -32.93
N GLY A 276 5.32 24.21 -33.90
CA GLY A 276 5.45 23.65 -35.25
C GLY A 276 4.49 22.51 -35.52
N PHE A 277 3.53 22.30 -34.61
CA PHE A 277 2.48 21.31 -34.78
C PHE A 277 1.25 21.95 -35.41
N ASP A 278 0.47 21.19 -36.13
CA ASP A 278 -0.77 21.70 -36.71
C ASP A 278 -1.83 21.86 -35.65
N PRO A 279 -2.31 23.07 -35.46
CA PRO A 279 -3.29 23.35 -34.42
C PRO A 279 -4.63 22.71 -34.62
N ASN A 280 -4.90 22.26 -35.83
CA ASN A 280 -6.23 21.76 -36.19
C ASN A 280 -6.34 20.24 -36.11
N ILE A 281 -5.29 19.59 -35.62
CA ILE A 281 -5.37 18.15 -35.45
C ILE A 281 -5.06 17.85 -33.98
N SER A 282 -5.78 16.86 -33.47
CA SER A 282 -5.52 16.41 -32.10
C SER A 282 -4.99 14.98 -32.08
N PHE A 283 -4.33 14.61 -30.98
CA PHE A 283 -3.78 13.27 -30.85
C PHE A 283 -2.81 12.89 -31.99
N HIS A 284 -1.97 13.85 -32.37
CA HIS A 284 -0.99 13.68 -33.42
C HIS A 284 0.31 13.16 -32.89
N ILE A 285 0.83 12.12 -33.52
CA ILE A 285 2.12 11.60 -33.19
C ILE A 285 3.02 11.72 -34.42
N PRO A 286 3.96 12.67 -34.42
CA PRO A 286 4.90 12.77 -35.56
C PRO A 286 5.70 11.49 -35.77
N GLN A 287 6.00 11.23 -37.02
CA GLN A 287 6.72 10.02 -37.39
C GLN A 287 8.05 9.80 -36.68
N ALA A 288 8.90 10.83 -36.63
CA ALA A 288 10.22 10.63 -36.07
C ALA A 288 10.09 10.26 -34.58
N SER A 289 9.24 10.99 -33.86
CA SER A 289 8.97 10.72 -32.43
C SER A 289 8.40 9.34 -32.19
N LYS A 290 7.45 8.92 -33.04
CA LYS A 290 6.83 7.63 -32.93
C LYS A 290 7.89 6.52 -33.03
N ILE A 291 8.78 6.64 -34.01
CA ILE A 291 9.78 5.61 -34.23
C ILE A 291 10.76 5.56 -33.07
N ARG A 292 11.17 6.75 -32.61
CA ARG A 292 12.16 6.90 -31.59
C ARG A 292 11.64 6.39 -30.25
N PHE A 293 10.44 6.81 -29.83
CA PHE A 293 9.86 6.27 -28.57
C PHE A 293 9.65 4.76 -28.62
N GLU A 294 9.16 4.25 -29.77
CA GLU A 294 8.83 2.84 -29.84
C GLU A 294 10.07 1.95 -30.02
N SER A 295 11.23 2.53 -30.27
CA SER A 295 12.46 1.74 -30.23
C SER A 295 12.67 1.00 -28.88
N ALA A 296 11.98 1.45 -27.81
CA ALA A 296 12.00 0.76 -26.51
C ALA A 296 11.58 -0.70 -26.64
N VAL A 297 10.73 -1.00 -27.60
CA VAL A 297 10.28 -2.35 -27.78
C VAL A 297 11.45 -3.30 -28.19
N GLU A 298 12.16 -2.94 -29.28
CA GLU A 298 13.32 -3.71 -29.71
C GLU A 298 14.44 -3.77 -28.66
N LEU A 299 14.77 -2.60 -28.09
CA LEU A 299 15.82 -2.49 -27.11
C LEU A 299 15.50 -3.24 -25.79
N GLY A 300 14.26 -3.16 -25.34
CA GLY A 300 13.86 -3.86 -24.13
C GLY A 300 13.78 -5.37 -24.33
N ASP A 301 13.33 -5.80 -25.51
CA ASP A 301 13.35 -7.21 -25.85
C ASP A 301 14.79 -7.78 -25.78
N LEU A 302 15.74 -7.02 -26.33
CA LEU A 302 17.13 -7.45 -26.33
C LEU A 302 17.72 -7.48 -24.91
N GLU A 303 17.49 -6.46 -24.11
CA GLU A 303 17.96 -6.43 -22.72
C GLU A 303 17.36 -7.56 -21.87
N GLU A 304 16.05 -7.80 -22.00
CA GLU A 304 15.45 -8.91 -21.29
C GLU A 304 16.04 -10.28 -21.75
N ALA A 305 16.30 -10.42 -23.04
CA ALA A 305 16.88 -11.68 -23.56
C ALA A 305 18.26 -11.93 -22.93
N LYS A 306 19.07 -10.88 -22.85
CA LYS A 306 20.40 -10.93 -22.25
C LYS A 306 20.32 -11.31 -20.78
N TRP A 307 19.34 -10.75 -20.08
CA TRP A 307 19.10 -11.08 -18.70
C TRP A 307 18.68 -12.54 -18.51
N LYS A 308 17.77 -13.02 -19.33
CA LYS A 308 17.36 -14.41 -19.28
C LYS A 308 18.52 -15.38 -19.49
N ASP A 309 19.46 -14.99 -20.35
CA ASP A 309 20.70 -15.75 -20.48
C ASP A 309 21.55 -15.78 -19.19
N LYS A 310 21.64 -14.64 -18.48
CA LYS A 310 22.31 -14.59 -17.19
C LYS A 310 21.58 -15.45 -16.18
N LEU A 311 20.25 -15.41 -16.22
CA LEU A 311 19.48 -16.27 -15.28
C LEU A 311 19.74 -17.75 -15.48
N GLU A 312 19.77 -18.17 -16.75
CA GLU A 312 20.05 -19.57 -17.10
C GLU A 312 21.39 -20.07 -16.54
N LYS A 313 22.40 -19.21 -16.50
CA LYS A 313 23.72 -19.56 -15.95
C LYS A 313 23.81 -19.46 -14.43
N SER A 314 22.79 -18.91 -13.78
CA SER A 314 22.87 -18.54 -12.36
C SER A 314 22.67 -19.72 -11.44
N ALA A 315 23.35 -19.73 -10.32
CA ALA A 315 23.04 -20.73 -9.27
C ALA A 315 21.67 -20.45 -8.57
N LYS A 316 21.02 -19.35 -8.91
CA LYS A 316 19.84 -18.86 -8.13
C LYS A 316 18.50 -19.09 -8.83
N LYS A 317 18.54 -19.84 -9.92
CA LYS A 317 17.39 -20.18 -10.77
C LYS A 317 16.27 -20.86 -10.02
N GLU A 318 16.63 -21.90 -9.26
CA GLU A 318 15.66 -22.64 -8.49
C GLU A 318 15.06 -21.74 -7.34
N LEU A 319 15.90 -20.95 -6.72
CA LEU A 319 15.42 -20.00 -5.69
C LEU A 319 14.39 -19.02 -6.30
N LEU A 320 14.69 -18.47 -7.48
CA LEU A 320 13.77 -17.51 -8.06
C LEU A 320 12.46 -18.22 -8.32
N GLU A 321 12.52 -19.48 -8.80
CA GLU A 321 11.27 -20.21 -9.03
C GLU A 321 10.46 -20.41 -7.74
N ARG A 322 11.11 -20.67 -6.60
CA ARG A 322 10.39 -20.78 -5.38
C ARG A 322 9.81 -19.41 -4.97
N LEU A 323 10.58 -18.35 -5.15
CA LEU A 323 10.06 -17.01 -4.79
C LEU A 323 8.82 -16.65 -5.60
N LEU A 324 8.81 -17.03 -6.87
CA LEU A 324 7.67 -16.70 -7.72
C LEU A 324 6.48 -17.62 -7.54
N ASN A 325 6.67 -18.78 -6.96
CA ASN A 325 5.63 -19.79 -6.79
C ASN A 325 5.64 -20.37 -5.43
N PRO A 326 5.31 -19.56 -4.41
CA PRO A 326 5.35 -20.06 -3.06
C PRO A 326 4.26 -21.09 -2.86
N ASP A 327 4.59 -22.11 -2.09
CA ASP A 327 3.67 -23.19 -1.74
C ASP A 327 3.18 -23.01 -0.32
N PHE A 328 2.01 -22.40 -0.17
CA PHE A 328 1.47 -22.12 1.16
C PHE A 328 0.85 -23.34 1.77
N ASN A 329 0.41 -24.25 0.93
CA ASN A 329 -0.26 -25.45 1.44
C ASN A 329 0.68 -26.41 2.20
N LYS A 330 1.97 -26.38 1.90
CA LYS A 330 2.96 -27.26 2.52
C LYS A 330 3.27 -26.89 3.98
N ILE A 331 2.99 -25.64 4.36
CA ILE A 331 3.44 -25.07 5.62
C ILE A 331 2.78 -25.74 6.81
N ALA A 332 3.58 -26.19 7.77
CA ALA A 332 3.09 -26.76 9.02
C ALA A 332 3.09 -25.67 10.08
N TYR A 333 1.90 -25.21 10.42
CA TYR A 333 1.75 -24.10 11.38
C TYR A 333 1.86 -24.64 12.79
N PRO A 334 2.10 -23.77 13.78
CA PRO A 334 1.99 -24.27 15.15
C PRO A 334 0.60 -24.74 15.52
N ASP A 335 0.54 -25.73 16.42
CA ASP A 335 -0.72 -26.27 16.94
C ASP A 335 -0.97 -25.62 18.26
N PHE A 336 -1.91 -24.69 18.29
CA PHE A 336 -2.23 -23.97 19.52
C PHE A 336 -3.48 -24.48 20.22
N LYS A 337 -3.97 -25.66 19.82
CA LYS A 337 -5.18 -26.19 20.44
C LYS A 337 -5.00 -26.29 21.98
N GLY A 338 -5.95 -25.70 22.68
CA GLY A 338 -5.99 -25.74 24.14
C GLY A 338 -4.98 -24.92 24.90
N LYS A 339 -4.25 -24.06 24.21
CA LYS A 339 -3.23 -23.25 24.78
C LYS A 339 -3.76 -21.84 24.98
N ASP A 340 -3.75 -21.36 26.21
CA ASP A 340 -4.10 -19.99 26.54
C ASP A 340 -2.91 -19.09 26.20
N LEU A 341 -3.14 -18.04 25.43
CA LEU A 341 -2.03 -17.15 25.04
C LEU A 341 -2.56 -15.81 24.59
N ALA A 342 -1.73 -14.78 24.63
CA ALA A 342 -2.09 -13.53 23.96
C ALA A 342 -1.96 -13.78 22.46
N THR A 343 -2.86 -13.23 21.68
CA THR A 343 -2.78 -13.46 20.22
C THR A 343 -1.62 -12.74 19.59
N ARG A 344 -1.03 -11.75 20.26
CA ARG A 344 0.27 -11.22 19.75
C ARG A 344 1.37 -12.29 19.77
N ASP A 345 1.29 -13.18 20.73
CA ASP A 345 2.30 -14.23 20.92
C ASP A 345 2.08 -15.37 19.97
N SER A 346 0.83 -15.82 19.80
CA SER A 346 0.54 -16.79 18.75
C SER A 346 0.93 -16.27 17.37
N ASN A 347 0.67 -15.00 17.17
CA ASN A 347 0.93 -14.44 15.86
C ASN A 347 2.44 -14.35 15.59
N GLY A 348 3.22 -13.98 16.59
CA GLY A 348 4.65 -13.92 16.46
C GLY A 348 5.25 -15.29 16.10
N GLU A 349 4.75 -16.32 16.73
CA GLU A 349 5.16 -17.72 16.38
C GLU A 349 4.85 -18.05 14.95
N ILE A 350 3.69 -17.64 14.46
CA ILE A 350 3.27 -17.89 13.08
C ILE A 350 4.17 -17.13 12.15
N LEU A 351 4.44 -15.86 12.46
CA LEU A 351 5.38 -15.07 11.62
C LEU A 351 6.72 -15.80 11.45
N ASN A 352 7.22 -16.35 12.55
CA ASN A 352 8.50 -17.09 12.48
C ASN A 352 8.42 -18.33 11.61
N VAL A 353 7.31 -19.07 11.69
CA VAL A 353 7.10 -20.25 10.84
C VAL A 353 7.03 -19.85 9.37
N LEU A 354 6.33 -18.72 9.09
CA LEU A 354 6.23 -18.28 7.69
C LEU A 354 7.57 -17.83 7.19
N ALA A 355 8.32 -17.09 7.99
CA ALA A 355 9.65 -16.55 7.58
C ALA A 355 10.59 -17.74 7.26
N LYS A 356 10.45 -18.79 8.03
CA LYS A 356 11.30 -20.01 7.82
C LYS A 356 10.91 -20.77 6.57
N ASN A 357 9.62 -20.87 6.26
CA ASN A 357 9.13 -21.60 5.12
C ASN A 357 9.19 -20.88 3.78
N LEU A 358 9.19 -19.55 3.82
CA LEU A 358 9.02 -18.71 2.66
C LEU A 358 10.19 -17.74 2.52
N GLU A 359 11.05 -18.03 1.55
CA GLU A 359 12.23 -17.26 1.41
C GLU A 359 11.98 -15.74 1.15
N GLY A 360 10.84 -15.40 0.58
CA GLY A 360 10.48 -14.02 0.31
C GLY A 360 9.60 -13.32 1.33
N PHE A 361 9.31 -14.01 2.45
CA PHE A 361 8.46 -13.43 3.52
C PHE A 361 9.33 -12.67 4.49
N LEU A 362 9.05 -11.39 4.67
CA LEU A 362 9.87 -10.56 5.52
C LEU A 362 9.05 -9.37 5.99
N GLY A 363 9.61 -8.56 6.86
CA GLY A 363 8.88 -7.36 7.35
C GLY A 363 9.42 -6.83 8.64
N GLY A 364 8.62 -6.01 9.33
CA GLY A 364 9.12 -5.48 10.52
C GLY A 364 8.09 -4.55 11.15
N SER A 365 8.52 -3.91 12.22
CA SER A 365 7.66 -3.06 13.04
C SER A 365 8.19 -1.66 13.03
N ALA A 366 7.33 -0.72 13.39
CA ALA A 366 7.71 0.65 13.56
C ALA A 366 8.20 0.90 14.97
N ASP A 367 9.43 0.43 15.23
CA ASP A 367 10.10 0.48 16.54
C ASP A 367 9.44 -0.38 17.62
N LEU A 368 8.47 -1.26 17.30
CA LEU A 368 7.78 -2.00 18.34
C LEU A 368 7.92 -3.53 18.23
N GLY A 369 9.01 -3.98 17.63
CA GLY A 369 9.27 -5.40 17.53
C GLY A 369 9.05 -6.21 18.81
N PRO A 370 9.68 -5.81 19.90
CA PRO A 370 9.54 -6.50 21.16
C PRO A 370 8.14 -6.52 21.76
N SER A 371 7.35 -5.49 21.46
CA SER A 371 5.96 -5.38 21.96
CA SER A 371 5.98 -5.38 21.94
C SER A 371 4.96 -6.03 21.03
N ASN A 372 5.13 -5.84 19.70
CA ASN A 372 4.26 -6.48 18.72
C ASN A 372 4.56 -7.97 18.58
N LYS A 373 5.73 -8.40 19.09
CA LYS A 373 6.20 -9.78 18.96
C LYS A 373 6.45 -10.21 17.50
N THR A 374 7.10 -9.32 16.74
CA THR A 374 7.32 -9.55 15.31
C THR A 374 8.76 -9.92 14.94
N GLU A 375 9.65 -9.99 15.92
CA GLU A 375 11.05 -10.38 15.60
C GLU A 375 11.08 -11.77 14.98
N LEU A 376 11.79 -11.88 13.86
CA LEU A 376 12.00 -13.13 13.18
C LEU A 376 13.36 -13.64 13.72
N HIS A 377 13.26 -14.54 14.68
CA HIS A 377 14.39 -14.88 15.53
C HIS A 377 15.49 -15.57 14.71
N SER A 378 16.71 -15.05 14.84
CA SER A 378 17.87 -15.62 14.13
C SER A 378 17.85 -15.46 12.61
N MSE A 379 16.96 -14.62 12.10
CA MSE A 379 16.89 -14.44 10.65
C MSE A 379 17.62 -13.18 10.20
O MSE A 379 17.60 -12.84 9.01
CB MSE A 379 15.45 -14.45 10.12
CG MSE A 379 14.47 -15.43 10.83
SE MSE A 379 13.40 -16.53 9.68
CE MSE A 379 15.12 -17.25 9.22
N GLY A 380 18.25 -12.49 11.14
CA GLY A 380 19.10 -11.35 10.85
C GLY A 380 18.41 -10.05 10.51
N ASP A 381 19.19 -8.98 10.36
CA ASP A 381 18.68 -7.65 10.01
C ASP A 381 18.82 -7.37 8.48
N PHE A 382 17.86 -6.67 7.89
CA PHE A 382 17.96 -6.17 6.54
C PHE A 382 19.29 -5.40 6.40
N VAL A 383 20.01 -5.51 5.29
CA VAL A 383 19.62 -6.24 4.06
C VAL A 383 19.98 -7.74 4.04
N GLU A 384 20.95 -8.17 4.86
CA GLU A 384 21.43 -9.56 4.81
C GLU A 384 20.37 -10.51 5.25
N GLY A 385 19.56 -10.06 6.22
CA GLY A 385 18.51 -10.82 6.82
C GLY A 385 17.13 -10.27 6.53
N LYS A 386 16.16 -10.71 7.34
CA LYS A 386 14.74 -10.47 7.11
C LYS A 386 14.08 -9.41 7.96
N ASN A 387 14.60 -9.09 9.15
CA ASN A 387 13.97 -8.12 10.03
C ASN A 387 14.29 -6.71 9.55
N ILE A 388 13.25 -5.92 9.28
CA ILE A 388 13.39 -4.57 8.88
C ILE A 388 13.02 -3.66 10.05
N HIS A 389 13.92 -2.76 10.38
CA HIS A 389 13.75 -1.80 11.45
C HIS A 389 13.29 -0.48 10.84
N PHE A 390 11.97 -0.30 10.81
CA PHE A 390 11.39 0.89 10.17
C PHE A 390 11.53 2.19 10.93
N GLY A 391 11.90 2.12 12.23
CA GLY A 391 11.85 3.28 13.05
C GLY A 391 10.42 3.70 13.37
N ILE A 392 10.27 4.90 13.94
CA ILE A 392 8.97 5.38 14.30
C ILE A 392 8.35 6.12 13.08
N ARG A 393 7.96 5.32 12.07
CA ARG A 393 7.63 5.78 10.73
C ARG A 393 6.52 4.89 10.18
N GLU A 394 5.38 4.88 10.85
CA GLU A 394 4.35 3.92 10.49
C GLU A 394 3.92 4.13 9.03
N HIS A 395 3.71 5.38 8.61
CA HIS A 395 3.16 5.68 7.29
C HIS A 395 4.13 5.22 6.19
N ALA A 396 5.37 5.65 6.28
CA ALA A 396 6.35 5.22 5.30
C ALA A 396 6.59 3.73 5.36
N MSE A 397 6.54 3.09 6.52
CA MSE A 397 6.61 1.63 6.57
C MSE A 397 5.57 1.01 5.67
O MSE A 397 5.89 0.11 4.87
CB MSE A 397 6.39 1.07 7.99
CG MSE A 397 6.12 -0.44 8.11
SE MSE A 397 6.07 -0.95 9.97
CE MSE A 397 4.26 -0.07 10.35
N ALA A 398 4.31 1.40 5.80
CA ALA A 398 3.28 0.79 4.97
C ALA A 398 3.45 1.08 3.48
N ALA A 399 3.86 2.28 3.11
CA ALA A 399 4.02 2.64 1.70
C ALA A 399 5.24 1.89 1.13
N ILE A 400 6.27 1.78 1.93
CA ILE A 400 7.45 0.92 1.56
C ILE A 400 7.08 -0.53 1.32
N ASN A 401 6.27 -1.11 2.20
CA ASN A 401 5.91 -2.48 2.10
C ASN A 401 4.93 -2.65 0.95
N ASN A 402 4.13 -1.63 0.65
CA ASN A 402 3.30 -1.69 -0.59
C ASN A 402 4.16 -1.97 -1.83
N ALA A 403 5.30 -1.32 -1.88
CA ALA A 403 6.25 -1.51 -2.97
C ALA A 403 6.95 -2.85 -2.90
N PHE A 404 7.33 -3.30 -1.71
CA PHE A 404 7.83 -4.67 -1.60
C PHE A 404 6.85 -5.67 -2.17
N ALA A 405 5.58 -5.48 -1.90
CA ALA A 405 4.55 -6.38 -2.37
C ALA A 405 4.39 -6.31 -3.92
N ARG A 406 4.74 -5.21 -4.52
CA ARG A 406 4.67 -5.04 -5.97
C ARG A 406 5.95 -5.45 -6.67
N TYR A 407 7.04 -5.58 -5.94
CA TYR A 407 8.36 -5.77 -6.62
C TYR A 407 8.38 -7.02 -7.48
N GLY A 408 7.86 -8.13 -6.96
CA GLY A 408 7.71 -9.37 -7.71
C GLY A 408 8.03 -10.65 -6.96
N ILE A 409 8.75 -10.58 -5.84
CA ILE A 409 9.20 -11.81 -5.16
C ILE A 409 9.00 -11.82 -3.64
N PHE A 410 8.29 -10.81 -3.12
CA PHE A 410 8.23 -10.61 -1.68
C PHE A 410 6.79 -10.67 -1.14
N LEU A 411 6.73 -11.08 0.12
CA LEU A 411 5.48 -11.19 0.93
C LEU A 411 5.78 -10.40 2.22
N PRO A 412 5.40 -9.08 2.27
CA PRO A 412 5.83 -8.22 3.35
C PRO A 412 4.75 -8.10 4.47
N PHE A 413 5.24 -7.91 5.68
CA PHE A 413 4.33 -7.46 6.76
C PHE A 413 4.83 -6.18 7.39
N SER A 414 3.84 -5.36 7.84
CA SER A 414 3.99 -4.11 8.54
C SER A 414 3.32 -4.26 9.90
N ALA A 415 3.98 -3.81 10.94
CA ALA A 415 3.47 -4.00 12.31
C ALA A 415 3.55 -2.73 13.15
N THR A 416 2.48 -2.51 13.91
CA THR A 416 2.47 -1.49 14.92
C THR A 416 1.33 -1.82 15.93
N PHE A 417 1.16 -0.94 16.91
CA PHE A 417 -0.06 -1.01 17.77
C PHE A 417 -1.28 -0.61 16.94
N PHE A 418 -2.41 -1.25 17.22
CA PHE A 418 -3.59 -1.00 16.44
C PHE A 418 -4.01 0.47 16.48
N ILE A 419 -3.81 1.16 17.62
CA ILE A 419 -4.15 2.61 17.68
C ILE A 419 -3.38 3.38 16.61
N PHE A 420 -2.11 2.99 16.37
CA PHE A 420 -1.29 3.70 15.41
C PHE A 420 -1.40 3.21 14.01
N SER A 421 -2.35 2.31 13.79
CA SER A 421 -2.78 2.02 12.42
C SER A 421 -3.27 3.31 11.76
N GLU A 422 -3.80 4.26 12.52
CA GLU A 422 -4.29 5.51 11.96
C GLU A 422 -3.20 6.30 11.24
N TYR A 423 -1.96 6.15 11.67
CA TYR A 423 -0.82 6.85 11.08
C TYR A 423 -0.51 6.30 9.70
N LEU A 424 -0.90 5.05 9.42
CA LEU A 424 -0.56 4.42 8.10
C LEU A 424 -1.78 4.11 7.23
N LYS A 425 -2.96 4.43 7.71
CA LYS A 425 -4.19 4.09 7.00
C LYS A 425 -4.25 4.56 5.51
N PRO A 426 -3.66 5.73 5.15
CA PRO A 426 -3.76 6.11 3.74
C PRO A 426 -3.00 5.09 2.85
N ALA A 427 -1.89 4.57 3.34
CA ALA A 427 -1.11 3.57 2.61
C ALA A 427 -1.76 2.24 2.65
N ALA A 428 -2.42 1.88 3.76
CA ALA A 428 -3.21 0.67 3.78
C ALA A 428 -4.28 0.72 2.73
N ARG A 429 -4.87 1.88 2.53
CA ARG A 429 -5.90 2.01 1.50
C ARG A 429 -5.36 1.73 0.10
N ILE A 430 -4.16 2.18 -0.16
CA ILE A 430 -3.57 1.88 -1.46
C ILE A 430 -3.32 0.35 -1.62
N ALA A 431 -2.93 -0.36 -0.58
CA ALA A 431 -2.79 -1.83 -0.63
C ALA A 431 -4.14 -2.47 -1.05
N ALA A 432 -5.19 -1.95 -0.47
CA ALA A 432 -6.56 -2.43 -0.73
C ALA A 432 -6.96 -2.12 -2.16
N LEU A 433 -6.75 -0.86 -2.57
CA LEU A 433 -7.08 -0.46 -3.95
C LEU A 433 -6.37 -1.36 -4.96
N MSE A 434 -5.11 -1.69 -4.73
CA MSE A 434 -4.33 -2.53 -5.67
C MSE A 434 -4.56 -4.05 -5.51
O MSE A 434 -4.16 -4.84 -6.35
CB MSE A 434 -2.86 -2.30 -5.45
CG MSE A 434 -2.43 -0.96 -5.86
SE MSE A 434 -0.49 -0.79 -5.92
CE MSE A 434 -0.04 -0.92 -4.10
N LYS A 435 -5.16 -4.44 -4.39
CA LYS A 435 -5.41 -5.85 -4.08
C LYS A 435 -4.09 -6.63 -3.98
N ILE A 436 -3.09 -6.00 -3.33
CA ILE A 436 -1.80 -6.63 -3.14
C ILE A 436 -1.74 -7.46 -1.91
N LYS A 437 -0.81 -8.42 -1.88
CA LYS A 437 -0.63 -9.23 -0.71
C LYS A 437 0.39 -8.60 0.24
N HIS A 438 -0.13 -7.83 1.17
CA HIS A 438 0.64 -7.13 2.17
C HIS A 438 -0.18 -7.36 3.46
N PHE A 439 0.50 -7.79 4.49
CA PHE A 439 -0.13 -8.20 5.76
C PHE A 439 0.16 -7.15 6.85
N PHE A 440 -0.91 -6.74 7.54
CA PHE A 440 -0.81 -5.70 8.58
C PHE A 440 -1.00 -6.31 9.95
N ILE A 441 -0.02 -6.11 10.81
CA ILE A 441 0.00 -6.75 12.13
C ILE A 441 -0.28 -5.65 13.19
N PHE A 442 -1.44 -5.71 13.87
CA PHE A 442 -1.86 -4.67 14.79
C PHE A 442 -2.13 -5.29 16.14
N THR A 443 -1.23 -5.07 17.07
CA THR A 443 -1.35 -5.59 18.42
C THR A 443 -1.98 -4.56 19.37
N HIS A 444 -2.25 -4.98 20.61
CA HIS A 444 -2.72 -4.01 21.60
C HIS A 444 -4.07 -3.45 21.17
N ASP A 445 -5.01 -4.34 20.99
CA ASP A 445 -6.20 -4.07 20.17
C ASP A 445 -7.41 -3.38 20.88
N SER A 446 -7.32 -3.15 22.18
CA SER A 446 -8.50 -2.69 22.92
C SER A 446 -8.13 -1.97 24.20
N ILE A 447 -9.17 -1.56 24.92
CA ILE A 447 -8.99 -1.10 26.31
C ILE A 447 -8.18 -2.05 27.22
N GLY A 448 -8.07 -3.34 26.85
CA GLY A 448 -7.17 -4.28 27.53
C GLY A 448 -5.72 -3.84 27.66
N VAL A 449 -5.35 -2.86 26.86
CA VAL A 449 -4.05 -2.22 26.96
C VAL A 449 -3.84 -1.73 28.38
N GLY A 450 -4.90 -1.19 29.00
CA GLY A 450 -4.77 -0.81 30.41
C GLY A 450 -4.14 0.55 30.67
N GLU A 451 -3.02 0.51 31.37
CA GLU A 451 -2.45 1.70 31.96
C GLU A 451 -2.07 2.83 31.01
N ASP A 452 -1.64 2.50 29.80
CA ASP A 452 -1.29 3.55 28.88
C ASP A 452 -2.44 4.54 28.57
N GLY A 453 -3.69 4.08 28.75
CA GLY A 453 -4.78 5.02 28.72
C GLY A 453 -5.35 5.26 27.34
N PRO A 454 -6.26 6.23 27.25
CA PRO A 454 -7.17 6.35 26.10
C PRO A 454 -6.47 6.71 24.80
N THR A 455 -5.33 7.41 24.86
CA THR A 455 -4.61 7.65 23.59
C THR A 455 -4.03 6.39 22.99
N HIS A 456 -3.97 5.32 23.77
CA HIS A 456 -3.36 4.05 23.34
C HIS A 456 -4.38 2.92 23.26
N GLN A 457 -5.66 3.25 23.42
CA GLN A 457 -6.72 2.24 23.48
C GLN A 457 -7.60 2.42 22.26
N PRO A 458 -7.54 1.46 21.33
CA PRO A 458 -8.41 1.53 20.15
C PRO A 458 -9.88 1.51 20.51
N ILE A 459 -10.67 2.20 19.70
CA ILE A 459 -12.15 2.26 19.89
C ILE A 459 -12.83 2.14 18.54
N GLU A 460 -12.45 3.02 17.62
CA GLU A 460 -13.03 3.14 16.29
C GLU A 460 -12.29 2.45 15.16
N GLN A 461 -11.10 1.87 15.44
CA GLN A 461 -10.22 1.40 14.37
C GLN A 461 -10.78 0.13 13.72
N LEU A 462 -11.40 -0.72 14.49
CA LEU A 462 -12.06 -1.88 13.88
C LEU A 462 -13.12 -1.48 12.82
N SER A 463 -13.98 -0.47 13.11
CA SER A 463 -14.95 0.06 12.16
C SER A 463 -14.31 0.56 10.89
N THR A 464 -13.18 1.23 11.01
CA THR A 464 -12.44 1.77 9.86
C THR A 464 -11.97 0.66 8.96
N PHE A 465 -11.29 -0.33 9.52
CA PHE A 465 -10.74 -1.41 8.69
C PHE A 465 -11.81 -2.32 8.10
N ARG A 466 -12.88 -2.54 8.87
CA ARG A 466 -14.01 -3.26 8.31
C ARG A 466 -14.68 -2.52 7.17
N ALA A 467 -14.85 -1.22 7.32
CA ALA A 467 -15.45 -0.44 6.29
C ALA A 467 -14.65 -0.30 5.01
N MSE A 468 -13.32 -0.31 5.14
CA MSE A 468 -12.46 -0.23 3.96
C MSE A 468 -12.69 -1.44 3.04
O MSE A 468 -12.48 -2.60 3.46
CB MSE A 468 -11.00 -0.22 4.44
CG MSE A 468 -10.06 -0.06 3.27
SE MSE A 468 -8.20 0.33 3.79
CE MSE A 468 -8.06 -0.50 5.50
N PRO A 469 -13.04 -1.21 1.77
CA PRO A 469 -13.13 -2.34 0.87
C PRO A 469 -11.80 -3.11 0.63
N ASN A 470 -11.94 -4.32 0.11
CA ASN A 470 -10.79 -5.14 -0.31
C ASN A 470 -9.81 -5.34 0.80
N PHE A 471 -10.26 -5.55 2.03
CA PHE A 471 -9.35 -5.64 3.16
C PHE A 471 -10.00 -6.46 4.22
N LEU A 472 -9.48 -7.68 4.48
CA LEU A 472 -9.97 -8.57 5.54
C LEU A 472 -9.38 -8.16 6.87
N THR A 473 -10.22 -8.10 7.89
CA THR A 473 -9.80 -7.73 9.19
C THR A 473 -10.06 -8.87 10.15
N PHE A 474 -9.02 -9.63 10.49
CA PHE A 474 -9.12 -10.75 11.38
C PHE A 474 -8.83 -10.34 12.79
N ARG A 475 -9.67 -10.79 13.71
CA ARG A 475 -9.48 -10.53 15.12
C ARG A 475 -9.64 -11.89 15.85
N PRO A 476 -8.58 -12.69 15.84
CA PRO A 476 -8.68 -14.05 16.36
C PRO A 476 -8.83 -14.12 17.85
N ALA A 477 -9.66 -15.06 18.27
CA ALA A 477 -9.89 -15.27 19.69
C ALA A 477 -8.85 -16.15 20.40
N ASP A 478 -8.13 -16.97 19.62
CA ASP A 478 -7.08 -17.82 20.17
C ASP A 478 -6.04 -18.11 19.10
N GLY A 479 -5.06 -18.94 19.42
CA GLY A 479 -3.97 -19.27 18.48
C GLY A 479 -4.47 -20.05 17.30
N VAL A 480 -5.44 -20.93 17.51
CA VAL A 480 -5.96 -21.71 16.41
C VAL A 480 -6.67 -20.83 15.36
N GLU A 481 -7.49 -19.90 15.85
CA GLU A 481 -8.09 -18.93 14.92
C GLU A 481 -7.03 -18.11 14.18
N ASN A 482 -5.97 -17.78 14.89
CA ASN A 482 -4.90 -16.97 14.34
C ASN A 482 -4.24 -17.72 13.13
N VAL A 483 -4.05 -19.04 13.30
CA VAL A 483 -3.54 -19.86 12.21
C VAL A 483 -4.46 -19.93 11.05
N LYS A 484 -5.75 -20.22 11.30
CA LYS A 484 -6.69 -20.34 10.22
C LYS A 484 -6.80 -18.99 9.45
N ALA A 485 -6.67 -17.89 10.17
CA ALA A 485 -6.70 -16.53 9.61
C ALA A 485 -5.53 -16.38 8.61
N TRP A 486 -4.34 -16.79 9.03
CA TRP A 486 -3.20 -16.75 8.11
C TRP A 486 -3.40 -17.60 6.86
N GLN A 487 -3.92 -18.79 7.06
CA GLN A 487 -4.14 -19.69 5.95
C GLN A 487 -5.07 -19.04 4.93
N ILE A 488 -6.10 -18.32 5.38
CA ILE A 488 -7.00 -17.64 4.45
C ILE A 488 -6.28 -16.44 3.83
N ALA A 489 -5.58 -15.69 4.65
CA ALA A 489 -4.88 -14.49 4.17
C ALA A 489 -3.88 -14.77 3.08
N LEU A 490 -3.11 -15.84 3.20
CA LEU A 490 -2.14 -16.17 2.16
C LEU A 490 -2.82 -16.57 0.88
N ASN A 491 -3.99 -17.20 0.97
CA ASN A 491 -4.68 -17.66 -0.24
C ASN A 491 -5.59 -16.58 -0.82
N ALA A 492 -5.85 -15.52 -0.06
CA ALA A 492 -6.80 -14.49 -0.53
C ALA A 492 -6.21 -13.63 -1.69
N ASP A 493 -7.09 -12.89 -2.36
CA ASP A 493 -6.64 -12.00 -3.42
C ASP A 493 -6.59 -10.53 -3.00
N ILE A 494 -6.66 -10.27 -1.68
CA ILE A 494 -6.70 -8.92 -1.10
C ILE A 494 -5.81 -8.92 0.15
N PRO A 495 -5.38 -7.75 0.61
CA PRO A 495 -4.65 -7.66 1.87
C PRO A 495 -5.52 -7.97 3.12
N SER A 496 -4.80 -8.25 4.21
CA SER A 496 -5.41 -8.60 5.51
C SER A 496 -4.68 -7.89 6.62
N ALA A 497 -5.42 -7.59 7.69
CA ALA A 497 -4.90 -7.13 8.96
C ALA A 497 -5.22 -8.18 10.02
N PHE A 498 -4.33 -8.25 10.98
CA PHE A 498 -4.49 -9.14 12.10
C PHE A 498 -4.54 -8.27 13.34
N VAL A 499 -5.66 -8.34 14.08
CA VAL A 499 -5.89 -7.47 15.24
C VAL A 499 -5.76 -8.34 16.47
N LEU A 500 -4.76 -8.05 17.28
CA LEU A 500 -4.20 -9.01 18.21
C LEU A 500 -4.11 -8.43 19.64
N SER A 501 -4.30 -9.27 20.65
CA SER A 501 -4.31 -8.85 22.04
C SER A 501 -2.90 -8.66 22.65
N ARG A 502 -2.81 -7.74 23.59
CA ARG A 502 -1.70 -7.65 24.53
C ARG A 502 -1.81 -8.75 25.60
N GLN A 503 -3.03 -8.91 26.13
CA GLN A 503 -3.32 -9.79 27.24
C GLN A 503 -3.59 -11.23 26.85
N LYS A 504 -3.38 -12.14 27.80
CA LYS A 504 -3.65 -13.54 27.55
C LYS A 504 -5.15 -13.79 27.35
N LEU A 505 -5.49 -14.60 26.35
CA LEU A 505 -6.84 -15.04 26.04
C LEU A 505 -6.93 -16.54 26.25
N LYS A 506 -8.17 -16.98 26.48
CA LYS A 506 -8.41 -18.38 26.75
C LYS A 506 -8.62 -19.14 25.44
N ALA A 507 -7.97 -20.30 25.35
CA ALA A 507 -8.18 -21.14 24.21
C ALA A 507 -9.64 -21.60 24.07
N LEU A 508 -10.11 -21.74 22.84
CA LEU A 508 -11.47 -22.12 22.59
C LEU A 508 -11.63 -23.63 22.46
N ASN A 509 -12.86 -24.10 22.67
CA ASN A 509 -13.15 -25.45 22.20
CA ASN A 509 -13.33 -25.40 22.19
C ASN A 509 -13.37 -25.47 20.67
N GLU A 510 -13.48 -26.67 20.12
CA GLU A 510 -13.59 -26.81 18.67
C GLU A 510 -14.87 -26.25 18.07
N PRO A 511 -14.84 -25.82 16.78
CA PRO A 511 -16.04 -25.41 16.12
C PRO A 511 -17.12 -26.50 16.17
N VAL A 512 -18.36 -26.09 16.39
CA VAL A 512 -19.54 -26.99 16.26
C VAL A 512 -20.14 -26.99 14.85
N PHE A 513 -20.11 -25.85 14.19
CA PHE A 513 -20.67 -25.72 12.85
C PHE A 513 -20.03 -24.51 12.19
N GLY A 514 -19.48 -24.70 11.00
CA GLY A 514 -18.70 -23.68 10.27
C GLY A 514 -17.29 -23.56 10.81
N ASP A 515 -16.54 -22.60 10.27
CA ASP A 515 -15.21 -22.38 10.77
C ASP A 515 -14.80 -20.95 10.44
N VAL A 516 -13.53 -20.66 10.69
CA VAL A 516 -12.98 -19.31 10.51
C VAL A 516 -13.15 -18.83 9.07
N LYS A 517 -13.06 -19.72 8.08
CA LYS A 517 -13.17 -19.37 6.66
C LYS A 517 -14.55 -18.80 6.32
N ASN A 518 -15.56 -19.07 7.15
CA ASN A 518 -16.88 -18.52 6.99
C ASN A 518 -17.04 -17.16 7.68
N GLY A 519 -16.00 -16.70 8.33
CA GLY A 519 -16.02 -15.37 8.98
C GLY A 519 -16.57 -15.37 10.38
N ALA A 520 -17.74 -16.02 10.55
CA ALA A 520 -18.33 -16.27 11.85
C ALA A 520 -18.68 -17.76 11.87
N TYR A 521 -18.64 -18.39 13.03
CA TYR A 521 -19.05 -19.79 13.14
C TYR A 521 -19.56 -20.07 14.54
N LEU A 522 -20.15 -21.25 14.69
CA LEU A 522 -20.71 -21.59 16.00
C LEU A 522 -19.72 -22.32 16.86
N LEU A 523 -19.57 -21.84 18.11
CA LEU A 523 -18.89 -22.52 19.21
C LEU A 523 -19.85 -23.31 20.10
N LYS A 524 -21.08 -22.82 20.18
CA LYS A 524 -22.12 -23.44 21.00
C LYS A 524 -23.41 -23.30 20.26
N GLU A 525 -24.15 -24.41 20.14
CA GLU A 525 -25.40 -24.37 19.42
C GLU A 525 -26.48 -25.09 20.22
N SER A 526 -27.59 -24.42 20.45
CA SER A 526 -28.71 -24.98 21.21
C SER A 526 -29.96 -25.02 20.39
N LYS A 527 -30.72 -26.11 20.55
CA LYS A 527 -32.03 -26.17 19.90
C LYS A 527 -32.91 -25.08 20.48
N GLU A 528 -33.74 -24.47 19.65
CA GLU A 528 -34.64 -23.39 20.09
C GLU A 528 -33.92 -22.26 20.90
N ALA A 529 -32.78 -21.82 20.37
CA ALA A 529 -32.02 -20.79 21.10
C ALA A 529 -32.86 -19.53 21.22
N LYS A 530 -32.91 -18.98 22.42
CA LYS A 530 -33.56 -17.73 22.71
C LYS A 530 -32.62 -16.52 22.42
N PHE A 531 -31.33 -16.77 22.60
CA PHE A 531 -30.28 -15.73 22.43
C PHE A 531 -29.14 -16.32 21.62
N THR A 532 -28.44 -15.46 20.85
CA THR A 532 -27.18 -15.78 20.24
C THR A 532 -26.24 -14.64 20.67
N LEU A 533 -25.11 -15.01 21.24
CA LEU A 533 -24.04 -14.10 21.63
C LEU A 533 -22.97 -14.22 20.59
N LEU A 534 -22.67 -13.10 19.93
CA LEU A 534 -21.74 -13.02 18.83
C LEU A 534 -20.60 -12.11 19.28
N ALA A 535 -19.38 -12.58 19.17
CA ALA A 535 -18.20 -11.78 19.57
C ALA A 535 -17.03 -12.12 18.72
N SER A 536 -15.99 -11.30 18.86
CA SER A 536 -14.69 -11.56 18.27
C SER A 536 -13.63 -11.44 19.30
N GLY A 537 -12.46 -12.00 19.01
CA GLY A 537 -11.25 -11.77 19.78
C GLY A 537 -11.45 -11.96 21.26
N SER A 538 -10.95 -11.03 22.04
CA SER A 538 -10.97 -11.16 23.50
C SER A 538 -12.36 -11.26 24.14
N GLU A 539 -13.43 -10.97 23.42
CA GLU A 539 -14.76 -10.98 24.02
C GLU A 539 -15.45 -12.32 23.86
N VAL A 540 -14.84 -13.28 23.15
CA VAL A 540 -15.51 -14.58 22.92
C VAL A 540 -15.67 -15.34 24.24
N TRP A 541 -14.64 -15.40 25.08
CA TRP A 541 -14.82 -16.11 26.36
C TRP A 541 -15.82 -15.49 27.27
N LEU A 542 -15.96 -14.17 27.25
CA LEU A 542 -17.00 -13.51 28.01
C LEU A 542 -18.36 -14.04 27.60
N CYS A 543 -18.54 -14.21 26.32
CA CYS A 543 -19.78 -14.70 25.77
C CYS A 543 -19.99 -16.18 26.12
N LEU A 544 -18.94 -16.97 26.02
CA LEU A 544 -19.09 -18.38 26.40
C LEU A 544 -19.55 -18.52 27.85
N GLU A 545 -18.88 -17.81 28.75
CA GLU A 545 -19.25 -17.81 30.16
C GLU A 545 -20.66 -17.27 30.39
N SER A 546 -21.02 -16.19 29.70
CA SER A 546 -22.34 -15.59 29.87
C SER A 546 -23.41 -16.54 29.36
N ALA A 547 -23.13 -17.25 28.28
CA ALA A 547 -24.07 -18.19 27.72
C ALA A 547 -24.27 -19.37 28.71
N ASN A 548 -23.22 -19.76 29.42
CA ASN A 548 -23.34 -20.84 30.42
C ASN A 548 -24.19 -20.40 31.59
N GLU A 549 -24.06 -19.15 32.01
CA GLU A 549 -24.92 -18.60 33.05
C GLU A 549 -26.37 -18.50 32.59
N LEU A 550 -26.57 -18.07 31.34
CA LEU A 550 -27.92 -17.98 30.78
C LEU A 550 -28.56 -19.39 30.74
N GLU A 551 -27.78 -20.38 30.35
CA GLU A 551 -28.28 -21.77 30.30
C GLU A 551 -28.67 -22.26 31.72
N LYS A 552 -27.87 -21.93 32.73
CA LYS A 552 -28.18 -22.29 34.13
C LYS A 552 -29.48 -21.63 34.57
N GLN A 553 -29.77 -20.43 34.07
CA GLN A 553 -31.06 -19.75 34.33
C GLN A 553 -32.21 -20.19 33.44
N GLY A 554 -31.96 -21.09 32.49
CA GLY A 554 -33.02 -21.66 31.68
C GLY A 554 -33.20 -21.08 30.30
N PHE A 555 -32.19 -20.41 29.78
CA PHE A 555 -32.25 -19.86 28.44
C PHE A 555 -31.28 -20.59 27.53
N ALA A 556 -31.78 -21.21 26.46
CA ALA A 556 -30.96 -21.83 25.43
C ALA A 556 -30.22 -20.74 24.61
N CYS A 557 -28.93 -20.93 24.42
CA CYS A 557 -28.06 -19.93 23.77
C CYS A 557 -27.18 -20.51 22.65
N ASN A 558 -27.00 -19.76 21.56
CA ASN A 558 -25.91 -20.01 20.62
C ASN A 558 -24.77 -19.02 21.01
N VAL A 559 -23.54 -19.42 20.74
CA VAL A 559 -22.39 -18.52 20.81
C VAL A 559 -21.69 -18.62 19.46
N VAL A 560 -21.48 -17.44 18.88
CA VAL A 560 -20.84 -17.28 17.57
C VAL A 560 -19.51 -16.55 17.78
N SER A 561 -18.43 -17.13 17.25
CA SER A 561 -17.15 -16.44 17.16
C SER A 561 -17.10 -15.84 15.78
N MSE A 562 -16.75 -14.54 15.73
CA MSE A 562 -16.68 -13.85 14.44
C MSE A 562 -15.25 -13.28 14.21
O MSE A 562 -14.99 -12.11 14.42
CB MSE A 562 -17.70 -12.70 14.34
CG MSE A 562 -17.80 -12.11 12.91
SE MSE A 562 -18.93 -10.53 12.84
CE MSE A 562 -17.83 -9.45 13.87
N PRO A 563 -14.30 -14.10 13.81
CA PRO A 563 -12.97 -13.59 13.62
C PRO A 563 -12.82 -12.69 12.40
N CYS A 564 -13.76 -12.74 11.46
CA CYS A 564 -13.73 -11.79 10.31
C CYS A 564 -15.08 -11.39 9.76
N PHE A 565 -15.47 -10.16 10.11
CA PHE A 565 -16.71 -9.56 9.66
C PHE A 565 -16.89 -9.61 8.18
N GLU A 566 -15.82 -9.26 7.44
CA GLU A 566 -15.98 -9.16 6.00
C GLU A 566 -16.27 -10.50 5.36
N LEU A 567 -15.64 -11.55 5.86
CA LEU A 567 -15.96 -12.91 5.35
C LEU A 567 -17.38 -13.30 5.70
N PHE A 568 -17.86 -12.92 6.85
CA PHE A 568 -19.22 -13.32 7.23
C PHE A 568 -20.25 -12.65 6.34
N GLU A 569 -19.95 -11.42 5.89
CA GLU A 569 -20.82 -10.69 5.03
C GLU A 569 -21.01 -11.43 3.72
N LYS A 570 -20.07 -12.31 3.35
CA LYS A 570 -20.10 -13.01 2.07
C LYS A 570 -20.82 -14.38 2.14
N GLN A 571 -21.24 -14.82 3.33
CA GLN A 571 -21.84 -16.13 3.46
C GLN A 571 -23.27 -16.12 2.94
N ASP A 572 -23.77 -17.29 2.54
CA ASP A 572 -25.15 -17.27 2.07
C ASP A 572 -26.12 -17.19 3.23
N LYS A 573 -27.35 -16.79 2.88
CA LYS A 573 -28.39 -16.51 3.86
C LYS A 573 -28.70 -17.72 4.72
N ALA A 574 -28.68 -18.92 4.15
CA ALA A 574 -28.96 -20.13 4.93
C ALA A 574 -27.92 -20.31 6.05
N TYR A 575 -26.66 -19.99 5.75
CA TYR A 575 -25.60 -20.13 6.76
C TYR A 575 -25.80 -19.10 7.84
N GLN A 576 -26.04 -17.84 7.46
CA GLN A 576 -26.17 -16.77 8.44
C GLN A 576 -27.39 -17.09 9.33
N GLU A 577 -28.47 -17.57 8.71
CA GLU A 577 -29.69 -17.93 9.48
C GLU A 577 -29.53 -19.02 10.52
N ARG A 578 -28.68 -20.00 10.24
CA ARG A 578 -28.39 -21.04 11.20
C ARG A 578 -27.63 -20.50 12.41
N LEU A 579 -26.70 -19.57 12.16
CA LEU A 579 -25.95 -18.98 13.29
C LEU A 579 -26.76 -18.04 14.14
N LEU A 580 -27.51 -17.15 13.51
CA LEU A 580 -28.09 -15.98 14.17
C LEU A 580 -29.53 -16.21 14.56
N LYS A 581 -29.66 -16.88 15.68
CA LYS A 581 -30.96 -17.36 16.22
C LYS A 581 -31.43 -16.55 17.40
N GLY A 582 -32.76 -16.41 17.50
CA GLY A 582 -33.33 -15.65 18.60
C GLY A 582 -32.93 -14.19 18.57
N GLU A 583 -32.81 -13.61 19.74
CA GLU A 583 -32.35 -12.25 19.90
C GLU A 583 -30.81 -12.34 19.89
N VAL A 584 -30.19 -11.64 18.94
CA VAL A 584 -28.74 -11.72 18.74
C VAL A 584 -28.05 -10.49 19.35
N ILE A 585 -27.10 -10.72 20.24
CA ILE A 585 -26.35 -9.68 20.92
C ILE A 585 -24.88 -9.78 20.51
N GLY A 586 -24.37 -8.68 19.98
CA GLY A 586 -22.96 -8.62 19.60
C GLY A 586 -22.15 -7.98 20.69
N VAL A 587 -20.96 -8.47 20.92
CA VAL A 587 -20.19 -8.05 22.08
C VAL A 587 -18.75 -7.87 21.62
N GLU A 588 -18.24 -6.65 21.75
CA GLU A 588 -16.88 -6.35 21.30
C GLU A 588 -16.38 -5.14 22.06
N ALA A 589 -15.10 -5.16 22.47
CA ALA A 589 -14.45 -4.01 23.08
C ALA A 589 -13.99 -3.03 21.95
N ALA A 590 -15.00 -2.42 21.39
CA ALA A 590 -14.85 -1.46 20.25
C ALA A 590 -16.17 -0.74 20.09
N HIS A 591 -16.16 0.36 19.34
CA HIS A 591 -17.40 1.08 19.03
C HIS A 591 -17.73 0.64 17.66
N SER A 592 -18.47 -0.45 17.61
CA SER A 592 -18.72 -1.23 16.42
C SER A 592 -20.23 -1.30 16.07
N ASN A 593 -20.71 -0.17 15.58
CA ASN A 593 -22.11 -0.09 15.14
C ASN A 593 -22.33 -0.95 13.93
N GLU A 594 -21.28 -1.28 13.14
CA GLU A 594 -21.46 -2.21 12.05
C GLU A 594 -22.06 -3.56 12.47
N LEU A 595 -21.92 -3.94 13.74
CA LEU A 595 -22.48 -5.22 14.18
C LEU A 595 -24.00 -5.28 14.10
N TYR A 596 -24.63 -4.11 14.02
CA TYR A 596 -26.10 -4.08 13.82
C TYR A 596 -26.52 -4.74 12.50
N LYS A 597 -25.60 -4.95 11.58
CA LYS A 597 -25.83 -5.73 10.37
C LYS A 597 -26.23 -7.17 10.74
N PHE A 598 -25.71 -7.70 11.85
CA PHE A 598 -25.95 -9.09 12.23
C PHE A 598 -26.61 -9.26 13.59
N CYS A 599 -26.74 -8.18 14.34
CA CYS A 599 -27.19 -8.26 15.76
C CYS A 599 -28.35 -7.33 16.04
N HIS A 600 -29.28 -7.75 16.90
CA HIS A 600 -30.31 -6.88 17.39
C HIS A 600 -29.86 -5.87 18.41
N LYS A 601 -28.91 -6.28 19.22
CA LYS A 601 -28.31 -5.43 20.22
C LYS A 601 -26.80 -5.51 20.11
N VAL A 602 -26.15 -4.41 20.45
CA VAL A 602 -24.67 -4.33 20.44
C VAL A 602 -24.19 -3.84 21.79
N TYR A 603 -23.30 -4.62 22.43
CA TYR A 603 -22.74 -4.33 23.73
C TYR A 603 -21.26 -4.01 23.47
N GLY A 604 -21.00 -2.73 23.25
CA GLY A 604 -19.66 -2.24 22.80
C GLY A 604 -19.20 -1.14 23.74
N ILE A 605 -18.30 -0.28 23.21
CA ILE A 605 -17.78 0.85 23.95
C ILE A 605 -18.08 2.11 23.15
N GLU A 606 -18.73 3.07 23.77
CA GLU A 606 -19.18 4.26 23.05
C GLU A 606 -18.37 5.49 23.38
N SER A 607 -17.42 5.38 24.26
CA SER A 607 -16.59 6.52 24.62
C SER A 607 -15.16 6.15 24.39
N PHE A 608 -14.25 7.07 24.68
CA PHE A 608 -12.84 6.70 24.78
C PHE A 608 -12.59 5.95 26.11
N GLY A 609 -11.42 5.35 26.24
CA GLY A 609 -11.09 4.50 27.35
C GLY A 609 -10.59 5.26 28.56
N GLU A 610 -9.85 4.55 29.40
CA GLU A 610 -9.35 5.07 30.69
C GLU A 610 -8.03 4.46 31.00
N SER A 611 -7.15 5.21 31.68
CA SER A 611 -5.94 4.66 32.16
C SER A 611 -6.19 3.92 33.50
N GLY A 612 -5.93 2.63 33.50
CA GLY A 612 -5.93 1.81 34.70
C GLY A 612 -5.51 0.39 34.40
N LYS A 613 -5.41 -0.43 35.45
CA LYS A 613 -5.20 -1.86 35.26
C LYS A 613 -6.23 -2.44 34.30
N ASP A 614 -5.77 -3.30 33.39
CA ASP A 614 -6.71 -3.94 32.39
C ASP A 614 -7.97 -4.50 33.01
N LYS A 615 -7.84 -5.23 34.10
CA LYS A 615 -9.09 -5.80 34.74
C LYS A 615 -10.01 -4.71 35.27
N ASP A 616 -9.44 -3.64 35.79
CA ASP A 616 -10.22 -2.48 36.27
C ASP A 616 -10.94 -1.80 35.10
N VAL A 617 -10.22 -1.59 33.98
CA VAL A 617 -10.82 -0.92 32.84
C VAL A 617 -11.92 -1.77 32.17
N PHE A 618 -11.68 -3.05 31.99
CA PHE A 618 -12.72 -3.90 31.40
C PHE A 618 -13.98 -3.88 32.27
N GLU A 619 -13.80 -3.89 33.58
CA GLU A 619 -14.96 -3.92 34.52
C GLU A 619 -15.72 -2.58 34.44
N ARG A 620 -14.98 -1.48 34.41
CA ARG A 620 -15.57 -0.16 34.25
C ARG A 620 -16.42 -0.01 33.01
N PHE A 621 -15.97 -0.62 31.91
CA PHE A 621 -16.67 -0.51 30.63
C PHE A 621 -17.69 -1.61 30.44
N GLY A 622 -17.91 -2.43 31.48
CA GLY A 622 -19.05 -3.38 31.46
C GLY A 622 -18.74 -4.78 31.02
N PHE A 623 -17.45 -5.12 30.81
CA PHE A 623 -17.08 -6.44 30.27
C PHE A 623 -16.88 -7.44 31.36
N SER A 624 -18.03 -7.87 31.92
CA SER A 624 -18.08 -8.86 32.99
C SER A 624 -19.28 -9.73 32.73
N VAL A 625 -19.22 -10.99 33.16
CA VAL A 625 -20.33 -11.88 32.99
C VAL A 625 -21.62 -11.35 33.66
N SER A 626 -21.52 -10.84 34.88
CA SER A 626 -22.72 -10.32 35.55
C SER A 626 -23.34 -9.20 34.77
N LYS A 627 -22.49 -8.26 34.31
CA LYS A 627 -23.08 -7.13 33.60
C LYS A 627 -23.68 -7.52 32.25
N LEU A 628 -23.00 -8.42 31.50
CA LEU A 628 -23.49 -8.72 30.18
C LEU A 628 -24.80 -9.54 30.30
N VAL A 629 -24.82 -10.44 31.26
CA VAL A 629 -26.03 -11.24 31.50
C VAL A 629 -27.19 -10.32 31.91
N ASN A 630 -26.96 -9.36 32.78
CA ASN A 630 -28.04 -8.38 33.12
C ASN A 630 -28.57 -7.58 31.92
N PHE A 631 -27.66 -7.21 31.02
CA PHE A 631 -28.00 -6.55 29.79
C PHE A 631 -28.84 -7.43 28.90
N ILE A 632 -28.42 -8.67 28.73
CA ILE A 632 -29.09 -9.63 27.86
C ILE A 632 -30.51 -9.89 28.37
N LEU A 633 -30.65 -9.93 29.69
CA LEU A 633 -31.95 -10.20 30.33
C LEU A 633 -32.75 -8.92 30.52
N SER A 634 -32.23 -7.84 29.93
CA SER A 634 -32.82 -6.49 29.98
C SER A 634 -33.26 -6.12 31.39
N LYS A 635 -32.34 -6.24 32.36
CA LYS A 635 -32.66 -5.88 33.77
C LYS A 635 -31.74 -6.48 34.81
C1 GOL B . 14.00 6.88 -26.73
O1 GOL B . 12.94 7.83 -26.71
C2 GOL B . 13.50 5.53 -26.21
O2 GOL B . 12.42 5.02 -26.99
C3 GOL B . 14.55 4.43 -26.15
O3 GOL B . 15.76 5.00 -26.51
C1 GOL C . 5.31 -6.01 27.09
O1 GOL C . 4.33 -6.37 28.09
C2 GOL C . 5.08 -4.63 26.39
O2 GOL C . 5.02 -3.55 27.26
C3 GOL C . 3.75 -4.40 25.80
O3 GOL C . 2.86 -4.62 26.85
CA CA D . 4.39 22.45 -7.97
C1 EDO E . -31.03 -10.38 12.77
O1 EDO E . -30.76 -11.73 12.36
C2 EDO E . -29.90 -9.46 12.36
O2 EDO E . -30.28 -8.10 12.06
N1' TPP F . -3.32 15.89 -0.24
C2' TPP F . -2.81 14.66 -0.56
CM2 TPP F . -2.28 13.73 0.55
N3' TPP F . -2.90 14.22 -1.84
C4' TPP F . -3.43 15.00 -2.80
N4' TPP F . -3.51 14.55 -4.06
C5' TPP F . -3.90 16.31 -2.51
C6' TPP F . -3.84 16.69 -1.18
C7' TPP F . -4.49 17.25 -3.56
N3 TPP F . -3.43 17.77 -4.46
C2 TPP F . -3.18 17.25 -5.68
S1 TPP F . -1.80 18.01 -6.37
C5 TPP F . -1.74 19.20 -5.12
C4 TPP F . -2.65 18.83 -4.14
CM4 TPP F . -2.83 19.63 -2.87
C6 TPP F . -0.71 20.28 -5.20
C7 TPP F . 0.52 19.53 -5.58
O7 TPP F . 1.31 20.36 -6.20
PA TPP F . 2.47 19.88 -6.94
O1A TPP F . 3.12 21.14 -6.47
O2A TPP F . 2.74 18.68 -6.16
O3A TPP F . 1.65 19.85 -8.15
PB TPP F . 1.98 20.56 -9.57
O1B TPP F . 0.98 21.66 -9.31
O2B TPP F . 3.20 21.54 -9.60
O3B TPP F . 1.40 19.98 -10.72
#